data_4MAY
#
_entry.id   4MAY
#
_cell.length_a   72.514
_cell.length_b   123.176
_cell.length_c   134.088
_cell.angle_alpha   90.000
_cell.angle_beta   90.000
_cell.angle_gamma   90.000
#
_symmetry.space_group_name_H-M   'P 21 21 21'
#
loop_
_entity.id
_entity.type
_entity.pdbx_description
1 polymer 'MHC class II HLA-DQ-alpha chain'
2 polymer 'MHC class II antigen'
3 polymer 'HY.1B11 TCR alpha chain'
4 polymer 'UL15 peptide-HY.1B11 TCR beta chain, chimeric construct'
5 non-polymer 'SULFATE ION'
6 water water
#
loop_
_entity_poly.entity_id
_entity_poly.type
_entity_poly.pdbx_seq_one_letter_code
_entity_poly.pdbx_strand_id
1 'polypeptide(L)'
;DIVADHVASCGVNLYQFYGPSGQYTHEFDGDEQFYVDLERKETAWRWPEFSKFGGFDPQGALRNMAVAKHNLNIMIKRYN
STAATNEVPEVTVFSKSPVTLGQPNTLICLVDNIFPPVVNITWLSNGQSVTEGVSETSFLSKSDHSFFKISYLTFLPSAD
EIYDCKVEHWGLDQPLLKHWEPE
;
A
2 'polypeptide(L)'
;EGRDSPEDFVYQFKGLCYFTNGTERVRGVTRHIYNREEYVRFDSDVGVYRAVTPQGRPVAEYWNSQKEVLEGARASVDRV
CRHNYEVAYRGILQRRVEPTVTISPSRTEALNHHNLLICSVTDFYPSQIKVRWFRNDQEETAGVVSTPLIRNGDWTFQIL
VMLEMTPQRGDVYTCHVEHPSLQSPITVEWRAQSESAQSK
;
B
3 'polypeptide(L)'
;MKGENVEQHPSTLSVQEGDSAVIKCTYSDSASNYFPWYKQELGKRPQLIIDIRSNVGEKKDQRIAVTLNKTAKHFSLHIT
ETQPEDSAVYFCAASSFGNEKLTFGTGTRLTIIPNIQNPDPAVYQLRDSKSSDKSVCLFTDFDSQTNVSQSKDSDVYITD
KCVLDMRSMDFKSNSAVAWSNKSDFACANAFNNSIIPEDTFFPSPESSS
;
C
4 'polypeptide(L)'
;MKRQLVHFVRDFAQLGGSGGGGGGAGVSQTPSNKVTEKGKYVELRCDPISGHTALYWYRQSLGQGPEFLIYFQGTGAADD
SGLPNDRFFAVRPEGSVSTLKIQRTERGDSAVYLCATSALGDTQYFGPGTRLTVLEDLKNVFPPEVAVFEPSEAEISHTQ
KATLVCLATGFYPDHVELSWWVNGKEVHSGVCTDPQPLKEQPALNDSRYSLSSRLRVSATFWQNPRNHFRCQVQFYGLSE
NDEWTQDRAKPVTQIVSAEAWGRADS
;
D
#
loop_
_chem_comp.id
_chem_comp.type
_chem_comp.name
_chem_comp.formula
SO4 non-polymer 'SULFATE ION' 'O4 S -2'
#
# COMPACT_ATOMS: atom_id res chain seq x y z
N ILE A 2 -27.42 -2.91 20.49
CA ILE A 2 -26.57 -4.11 20.46
C ILE A 2 -26.11 -4.52 21.85
N VAL A 3 -26.44 -5.74 22.24
CA VAL A 3 -26.11 -6.29 23.55
C VAL A 3 -24.80 -7.10 23.51
N ALA A 4 -23.82 -6.68 24.30
CA ALA A 4 -22.53 -7.34 24.34
C ALA A 4 -21.91 -7.23 25.74
N ASP A 5 -20.98 -8.13 26.08
CA ASP A 5 -20.23 -8.00 27.32
C ASP A 5 -19.16 -6.92 27.19
N HIS A 6 -18.53 -6.82 26.01
CA HIS A 6 -17.42 -5.89 25.79
C HIS A 6 -17.49 -5.30 24.39
N VAL A 7 -17.04 -4.05 24.24
CA VAL A 7 -17.03 -3.40 22.95
C VAL A 7 -15.70 -2.70 22.68
N ALA A 8 -15.12 -2.96 21.51
CA ALA A 8 -13.89 -2.29 21.12
C ALA A 8 -14.13 -1.41 19.90
N SER A 9 -13.41 -0.30 19.84
CA SER A 9 -13.32 0.47 18.62
C SER A 9 -11.92 0.25 18.11
N CYS A 10 -11.80 -0.46 17.00
CA CYS A 10 -10.46 -0.70 16.49
C CYS A 10 -10.47 -0.03 15.16
N GLY A 11 -10.36 1.28 15.30
CA GLY A 11 -10.57 2.23 14.27
C GLY A 11 -11.70 3.14 14.70
N VAL A 12 -11.43 4.09 15.59
CA VAL A 12 -12.17 5.35 15.52
C VAL A 12 -11.35 6.22 14.59
N ASN A 13 -11.85 6.46 13.39
CA ASN A 13 -11.17 7.29 12.41
C ASN A 13 -11.89 8.62 12.23
N LEU A 14 -11.16 9.70 12.50
CA LEU A 14 -11.74 11.02 12.52
C LEU A 14 -10.97 11.93 11.56
N TYR A 15 -11.69 12.64 10.72
CA TYR A 15 -11.07 13.60 9.82
C TYR A 15 -12.03 14.75 9.57
N GLN A 16 -11.51 15.96 9.67
CA GLN A 16 -12.33 17.13 9.46
C GLN A 16 -11.65 18.17 8.55
N PHE A 17 -12.49 18.89 7.81
CA PHE A 17 -12.06 19.86 6.80
C PHE A 17 -11.26 20.99 7.40
N TYR A 18 -11.65 21.42 8.59
CA TYR A 18 -10.95 22.50 9.28
C TYR A 18 -9.53 22.10 9.72
N GLY A 19 -8.55 22.76 9.13
CA GLY A 19 -7.16 22.40 9.36
C GLY A 19 -6.46 22.21 8.03
N PRO A 20 -6.72 21.09 7.35
CA PRO A 20 -7.53 19.95 7.79
C PRO A 20 -6.83 19.19 8.91
N SER A 21 -7.55 18.28 9.56
CA SER A 21 -7.00 17.57 10.70
C SER A 21 -7.66 16.21 10.89
N GLY A 22 -6.94 15.28 11.50
CA GLY A 22 -7.43 13.93 11.69
C GLY A 22 -7.05 13.32 13.03
N GLN A 23 -7.64 12.19 13.38
CA GLN A 23 -7.26 11.51 14.62
C GLN A 23 -7.51 10.02 14.47
N TYR A 24 -6.60 9.20 14.97
CA TYR A 24 -6.78 7.75 14.94
C TYR A 24 -6.55 7.17 16.34
N THR A 25 -7.53 6.45 16.87
CA THR A 25 -7.40 5.82 18.19
C THR A 25 -8.06 4.45 18.21
N HIS A 26 -7.62 3.58 19.13
CA HIS A 26 -8.40 2.41 19.48
C HIS A 26 -8.95 2.58 20.89
N GLU A 27 -10.17 2.13 21.11
CA GLU A 27 -10.79 2.17 22.43
C GLU A 27 -11.22 0.76 22.79
N PHE A 28 -11.13 0.43 24.08
CA PHE A 28 -11.70 -0.81 24.58
C PHE A 28 -12.56 -0.50 25.81
N ASP A 29 -13.78 -1.02 25.81
CA ASP A 29 -14.81 -0.71 26.81
C ASP A 29 -14.79 0.77 27.21
N GLY A 30 -14.67 1.63 26.19
CA GLY A 30 -14.75 3.07 26.40
C GLY A 30 -13.50 3.78 26.87
N ASP A 31 -12.39 3.07 27.07
CA ASP A 31 -11.12 3.73 27.41
C ASP A 31 -10.12 3.68 26.25
N GLU A 32 -9.26 4.70 26.17
CA GLU A 32 -8.25 4.81 25.10
C GLU A 32 -7.04 3.87 25.28
N GLN A 33 -6.82 2.97 24.32
CA GLN A 33 -5.65 2.09 24.35
C GLN A 33 -4.41 2.79 23.80
N PHE A 34 -4.57 3.48 22.68
CA PHE A 34 -3.45 4.16 22.04
C PHE A 34 -3.97 5.13 21.00
N TYR A 35 -3.17 6.14 20.66
CA TYR A 35 -3.50 6.94 19.49
C TYR A 35 -2.32 6.88 18.51
N VAL A 36 -2.54 7.35 17.28
CA VAL A 36 -1.42 7.54 16.38
C VAL A 36 -1.14 9.02 16.15
N ASP A 37 0.07 9.44 16.50
CA ASP A 37 0.56 10.77 16.17
C ASP A 37 0.76 10.82 14.67
N LEU A 38 -0.17 11.45 13.96
CA LEU A 38 -0.14 11.45 12.51
C LEU A 38 1.04 12.28 11.99
N GLU A 39 1.37 13.32 12.72
CA GLU A 39 2.54 14.12 12.41
C GLU A 39 3.84 13.31 12.45
N ARG A 40 4.14 12.74 13.61
CA ARG A 40 5.39 12.01 13.79
C ARG A 40 5.39 10.60 13.21
N LYS A 41 4.23 10.15 12.71
CA LYS A 41 4.07 8.78 12.20
C LYS A 41 4.40 7.77 13.29
N GLU A 42 3.82 7.95 14.47
CA GLU A 42 4.22 7.15 15.61
C GLU A 42 2.99 6.69 16.39
N THR A 43 2.97 5.42 16.77
CA THR A 43 1.93 4.95 17.68
C THR A 43 2.28 5.35 19.09
N ALA A 44 1.36 6.01 19.78
CA ALA A 44 1.61 6.44 21.15
C ALA A 44 0.56 5.93 22.15
N TRP A 45 1.01 5.45 23.29
CA TRP A 45 0.12 4.98 24.35
C TRP A 45 0.05 6.03 25.46
N ARG A 46 -1.13 6.57 25.72
CA ARG A 46 -1.28 7.54 26.82
C ARG A 46 -1.06 6.91 28.19
N TRP A 47 -1.30 5.60 28.28
CA TRP A 47 -0.94 4.85 29.48
C TRP A 47 -0.09 3.66 29.08
N PRO A 48 1.24 3.84 29.10
CA PRO A 48 2.24 2.93 28.52
C PRO A 48 2.11 1.47 28.96
N GLU A 49 1.31 1.20 29.98
CA GLU A 49 1.05 -0.16 30.42
C GLU A 49 0.59 -1.05 29.25
N PHE A 50 -0.20 -0.48 28.34
CA PHE A 50 -0.82 -1.24 27.25
C PHE A 50 0.10 -1.52 26.06
N SER A 51 1.25 -0.83 26.04
CA SER A 51 2.26 -1.09 25.02
C SER A 51 2.74 -2.54 25.12
N LYS A 52 2.47 -3.17 26.26
CA LYS A 52 2.75 -4.58 26.46
C LYS A 52 1.64 -5.42 25.82
N PHE A 53 0.47 -4.83 25.64
CA PHE A 53 -0.63 -5.49 24.92
C PHE A 53 -0.55 -5.17 23.42
N GLY A 54 0.43 -5.77 22.73
CA GLY A 54 0.54 -5.65 21.28
C GLY A 54 1.16 -4.36 20.74
N GLY A 55 1.62 -4.42 19.49
CA GLY A 55 2.05 -3.23 18.76
C GLY A 55 1.07 -2.83 17.67
N PHE A 56 1.26 -1.63 17.12
CA PHE A 56 0.47 -1.15 15.98
C PHE A 56 1.32 -0.37 14.97
N ASP A 57 1.27 -0.77 13.70
CA ASP A 57 1.98 -0.04 12.63
C ASP A 57 1.27 1.25 12.28
N PRO A 58 1.91 2.40 12.57
CA PRO A 58 1.25 3.69 12.38
C PRO A 58 0.80 3.96 10.94
N GLN A 59 1.39 3.23 9.99
CA GLN A 59 1.08 3.41 8.58
C GLN A 59 -0.39 3.07 8.28
N GLY A 60 -0.95 2.13 9.04
CA GLY A 60 -2.35 1.78 8.87
C GLY A 60 -3.28 2.96 9.11
N ALA A 61 -2.90 3.81 10.05
CA ALA A 61 -3.69 5.01 10.35
C ALA A 61 -3.59 6.06 9.23
N LEU A 62 -2.37 6.27 8.73
CA LEU A 62 -2.13 7.18 7.61
C LEU A 62 -2.90 6.77 6.37
N ARG A 63 -2.97 5.47 6.14
CA ARG A 63 -3.73 4.94 5.06
C ARG A 63 -5.25 5.25 5.21
N ASN A 64 -5.80 4.99 6.39
CA ASN A 64 -7.22 5.28 6.64
C ASN A 64 -7.51 6.78 6.58
N MET A 65 -6.52 7.59 6.95
CA MET A 65 -6.67 9.04 6.91
C MET A 65 -6.80 9.55 5.48
N ALA A 66 -6.07 8.93 4.56
CA ALA A 66 -6.21 9.25 3.13
C ALA A 66 -7.58 8.85 2.61
N VAL A 67 -8.09 7.72 3.06
CA VAL A 67 -9.43 7.32 2.65
C VAL A 67 -10.45 8.34 3.19
N ALA A 68 -10.27 8.71 4.45
CA ALA A 68 -11.14 9.67 5.12
C ALA A 68 -11.18 11.00 4.37
N LYS A 69 -10.00 11.54 4.05
CA LYS A 69 -9.91 12.76 3.25
C LYS A 69 -10.72 12.62 1.97
N HIS A 70 -10.48 11.53 1.25
CA HIS A 70 -11.15 11.25 0.00
C HIS A 70 -12.66 11.11 0.19
N ASN A 71 -13.07 10.33 1.18
CA ASN A 71 -14.51 10.10 1.38
C ASN A 71 -15.24 11.35 1.87
N LEU A 72 -14.56 12.19 2.64
CA LEU A 72 -15.16 13.42 3.14
C LEU A 72 -15.55 14.39 2.01
N ASN A 73 -14.67 14.56 1.03
CA ASN A 73 -14.98 15.43 -0.11
C ASN A 73 -16.15 14.94 -0.92
N ILE A 74 -16.20 13.64 -1.16
CA ILE A 74 -17.36 13.05 -1.81
C ILE A 74 -18.63 13.36 -0.98
N MET A 75 -18.58 13.12 0.33
CA MET A 75 -19.77 13.27 1.16
C MET A 75 -20.23 14.72 1.35
N ILE A 76 -19.29 15.66 1.47
CA ILE A 76 -19.62 17.09 1.40
C ILE A 76 -20.51 17.41 0.19
N LYS A 77 -20.18 16.87 -0.98
CA LYS A 77 -21.01 17.06 -2.18
C LYS A 77 -22.37 16.40 -2.07
N ARG A 78 -22.39 15.14 -1.64
CA ARG A 78 -23.65 14.39 -1.59
C ARG A 78 -24.63 14.95 -0.55
N TYR A 79 -24.10 15.73 0.40
CA TYR A 79 -24.92 16.38 1.43
C TYR A 79 -25.07 17.90 1.20
N ASN A 80 -25.01 18.31 -0.08
CA ASN A 80 -25.14 19.72 -0.47
C ASN A 80 -24.32 20.71 0.37
N SER A 81 -23.11 20.30 0.74
CA SER A 81 -22.23 21.10 1.59
C SER A 81 -22.85 21.54 2.93
N THR A 82 -23.66 20.68 3.54
CA THR A 82 -24.20 20.97 4.87
C THR A 82 -23.08 20.97 5.91
N ALA A 83 -22.81 22.13 6.51
CA ALA A 83 -21.74 22.23 7.49
C ALA A 83 -22.15 21.63 8.85
N ALA A 84 -21.13 21.33 9.66
CA ALA A 84 -21.33 20.82 11.00
C ALA A 84 -22.04 21.86 11.87
N THR A 85 -23.02 21.40 12.62
CA THR A 85 -23.66 22.22 13.64
C THR A 85 -22.80 22.20 14.89
N ASN A 86 -22.46 23.39 15.40
CA ASN A 86 -21.71 23.52 16.64
C ASN A 86 -22.56 23.18 17.86
N GLU A 87 -22.12 22.24 18.67
CA GLU A 87 -22.88 21.88 19.87
C GLU A 87 -22.41 22.68 21.06
N VAL A 88 -23.23 22.74 22.11
CA VAL A 88 -22.80 23.34 23.36
C VAL A 88 -22.16 22.29 24.27
N PRO A 89 -20.84 22.42 24.51
CA PRO A 89 -20.15 21.45 25.36
C PRO A 89 -20.61 21.54 26.82
N GLU A 90 -20.50 20.45 27.57
CA GLU A 90 -20.87 20.46 28.98
C GLU A 90 -19.66 20.16 29.81
N VAL A 91 -19.38 21.03 30.77
CA VAL A 91 -18.16 20.94 31.54
C VAL A 91 -18.41 20.62 33.01
N THR A 92 -17.66 19.66 33.53
CA THR A 92 -17.73 19.28 34.93
C THR A 92 -16.33 19.11 35.47
N VAL A 93 -16.09 19.61 36.67
CA VAL A 93 -14.79 19.47 37.31
C VAL A 93 -14.99 18.76 38.64
N PHE A 94 -14.21 17.72 38.87
CA PHE A 94 -14.27 16.92 40.09
C PHE A 94 -12.88 16.39 40.33
N SER A 95 -12.63 15.88 41.53
CA SER A 95 -11.33 15.37 41.90
C SER A 95 -11.31 13.86 41.73
N LYS A 96 -10.11 13.30 41.59
CA LYS A 96 -9.96 11.87 41.37
C LYS A 96 -10.24 11.06 42.62
N SER A 97 -9.72 11.50 43.75
CA SER A 97 -9.95 10.81 45.02
C SER A 97 -10.39 11.83 46.07
N PRO A 98 -10.85 11.35 47.25
CA PRO A 98 -11.16 12.27 48.34
C PRO A 98 -10.03 13.27 48.61
N VAL A 99 -10.41 14.52 48.81
CA VAL A 99 -9.45 15.61 48.93
C VAL A 99 -9.07 15.90 50.38
N THR A 100 -7.80 15.67 50.71
CA THR A 100 -7.22 16.04 51.99
C THR A 100 -6.08 17.04 51.78
N LEU A 101 -6.14 18.16 52.49
CA LEU A 101 -5.11 19.18 52.39
C LEU A 101 -3.73 18.59 52.67
N GLY A 102 -2.76 18.93 51.81
CA GLY A 102 -1.43 18.38 51.92
C GLY A 102 -1.30 16.96 51.38
N GLN A 103 -2.37 16.46 50.78
CA GLN A 103 -2.32 15.16 50.14
C GLN A 103 -2.49 15.31 48.63
N PRO A 104 -1.42 15.06 47.87
CA PRO A 104 -1.42 15.30 46.42
C PRO A 104 -2.58 14.59 45.71
N ASN A 105 -3.29 15.34 44.88
CA ASN A 105 -4.45 14.81 44.19
C ASN A 105 -4.43 15.17 42.70
N THR A 106 -5.51 14.84 42.01
CA THR A 106 -5.66 15.19 40.60
C THR A 106 -7.04 15.77 40.40
N LEU A 107 -7.12 16.93 39.75
CA LEU A 107 -8.42 17.45 39.34
C LEU A 107 -8.71 16.90 37.94
N ILE A 108 -9.99 16.71 37.63
CA ILE A 108 -10.40 16.16 36.35
C ILE A 108 -11.41 17.08 35.69
N CYS A 109 -11.09 17.58 34.50
CA CYS A 109 -12.06 18.36 33.75
C CYS A 109 -12.65 17.54 32.62
N LEU A 110 -13.93 17.17 32.75
CA LEU A 110 -14.65 16.45 31.71
C LEU A 110 -15.37 17.43 30.78
N VAL A 111 -14.98 17.47 29.52
CA VAL A 111 -15.70 18.28 28.54
C VAL A 111 -16.48 17.34 27.62
N ASP A 112 -17.81 17.39 27.74
CA ASP A 112 -18.68 16.40 27.13
C ASP A 112 -19.55 17.08 26.08
N ASN A 113 -20.10 16.28 25.17
CA ASN A 113 -20.93 16.78 24.06
C ASN A 113 -20.15 17.74 23.17
N ILE A 114 -18.91 17.39 22.85
CA ILE A 114 -18.09 18.20 21.96
C ILE A 114 -18.37 17.86 20.50
N PHE A 115 -18.80 18.86 19.73
CA PHE A 115 -18.87 18.76 18.28
C PHE A 115 -18.93 20.14 17.66
N PRO A 116 -18.10 20.39 16.63
CA PRO A 116 -17.09 19.48 16.08
C PRO A 116 -15.92 19.31 17.05
N PRO A 117 -15.08 18.27 16.84
CA PRO A 117 -13.99 18.02 17.79
C PRO A 117 -12.87 19.04 17.60
N VAL A 118 -13.13 20.26 18.07
CA VAL A 118 -12.15 21.32 18.13
C VAL A 118 -12.36 22.06 19.44
N VAL A 119 -11.37 22.00 20.33
CA VAL A 119 -11.55 22.61 21.64
C VAL A 119 -10.22 23.02 22.28
N ASN A 120 -10.28 24.08 23.10
CA ASN A 120 -9.16 24.52 23.93
C ASN A 120 -9.53 24.31 25.39
N ILE A 121 -8.76 23.49 26.09
CA ILE A 121 -8.98 23.24 27.51
C ILE A 121 -7.72 23.59 28.26
N THR A 122 -7.81 24.56 29.16
CA THR A 122 -6.66 24.99 29.98
C THR A 122 -7.07 25.19 31.44
N TRP A 123 -6.09 25.18 32.34
CA TRP A 123 -6.35 25.35 33.76
C TRP A 123 -5.91 26.70 34.29
N LEU A 124 -6.62 27.18 35.31
CA LEU A 124 -6.31 28.44 35.96
C LEU A 124 -6.23 28.25 37.45
N SER A 125 -5.07 28.54 38.03
CA SER A 125 -4.93 28.61 39.48
C SER A 125 -4.88 30.06 39.92
N ASN A 126 -5.79 30.44 40.82
CA ASN A 126 -5.92 31.82 41.26
C ASN A 126 -6.06 32.80 40.09
N GLY A 127 -6.74 32.36 39.04
CA GLY A 127 -6.97 33.21 37.88
C GLY A 127 -5.84 33.21 36.87
N GLN A 128 -4.72 32.59 37.20
CA GLN A 128 -3.56 32.52 36.30
C GLN A 128 -3.42 31.16 35.60
N SER A 129 -2.98 31.17 34.35
CA SER A 129 -2.83 29.94 33.59
C SER A 129 -1.78 29.01 34.20
N VAL A 130 -2.13 27.74 34.34
CA VAL A 130 -1.21 26.73 34.88
C VAL A 130 -0.62 25.96 33.71
N THR A 131 0.63 25.54 33.84
CA THR A 131 1.32 24.84 32.76
C THR A 131 1.72 23.43 33.18
N GLU A 132 2.28 23.32 34.38
CA GLU A 132 2.80 22.05 34.86
C GLU A 132 1.69 21.15 35.40
N GLY A 133 1.90 19.84 35.33
CA GLY A 133 0.96 18.86 35.86
C GLY A 133 -0.32 18.67 35.07
N VAL A 134 -0.35 19.22 33.87
CA VAL A 134 -1.52 19.15 32.99
C VAL A 134 -1.34 18.08 31.90
N SER A 135 -2.38 17.26 31.69
CA SER A 135 -2.40 16.30 30.60
C SER A 135 -3.84 16.09 30.12
N GLU A 136 -4.00 15.24 29.11
CA GLU A 136 -5.21 15.25 28.29
C GLU A 136 -5.44 13.93 27.55
N THR A 137 -6.70 13.53 27.45
CA THR A 137 -7.04 12.37 26.62
C THR A 137 -7.12 12.81 25.16
N SER A 138 -7.35 11.87 24.26
CA SER A 138 -7.71 12.25 22.88
C SER A 138 -9.19 12.60 22.87
N PHE A 139 -9.72 12.95 21.70
CA PHE A 139 -11.17 13.04 21.61
C PHE A 139 -11.72 11.62 21.62
N LEU A 140 -12.47 11.31 22.67
CA LEU A 140 -13.07 10.00 22.84
C LEU A 140 -14.48 9.97 22.24
N SER A 141 -14.79 8.87 21.56
CA SER A 141 -16.02 8.79 20.78
C SER A 141 -17.25 8.50 21.65
N LYS A 142 -18.41 8.89 21.15
CA LYS A 142 -19.70 8.61 21.80
C LYS A 142 -20.65 8.03 20.78
N SER A 143 -21.62 7.26 21.25
CA SER A 143 -22.49 6.54 20.36
C SER A 143 -23.40 7.49 19.56
N ASP A 144 -23.50 8.75 19.99
CA ASP A 144 -24.22 9.75 19.17
C ASP A 144 -23.27 10.55 18.27
N HIS A 145 -22.01 10.11 18.17
CA HIS A 145 -21.02 10.63 17.22
C HIS A 145 -20.53 12.05 17.52
N SER A 146 -20.80 12.51 18.74
CA SER A 146 -20.08 13.66 19.29
C SER A 146 -18.88 13.09 20.01
N PHE A 147 -18.08 13.94 20.65
CA PHE A 147 -16.97 13.43 21.44
C PHE A 147 -16.95 14.02 22.86
N PHE A 148 -16.17 13.39 23.73
CA PHE A 148 -15.77 14.01 24.98
C PHE A 148 -14.25 13.96 25.10
N LYS A 149 -13.72 14.93 25.85
CA LYS A 149 -12.30 15.00 26.13
C LYS A 149 -12.11 15.32 27.60
N ILE A 150 -11.15 14.64 28.21
CA ILE A 150 -10.87 14.84 29.63
C ILE A 150 -9.45 15.39 29.81
N SER A 151 -9.33 16.43 30.63
CA SER A 151 -8.05 17.04 30.97
C SER A 151 -7.75 16.88 32.47
N TYR A 152 -6.48 16.73 32.81
CA TYR A 152 -6.10 16.51 34.20
C TYR A 152 -5.14 17.57 34.73
N LEU A 153 -5.24 17.84 36.04
CA LEU A 153 -4.30 18.72 36.73
C LEU A 153 -3.89 18.09 38.04
N THR A 154 -2.66 17.60 38.11
CA THR A 154 -2.12 17.15 39.39
C THR A 154 -1.91 18.38 40.26
N PHE A 155 -2.38 18.33 41.51
CA PHE A 155 -2.30 19.50 42.37
C PHE A 155 -2.18 19.14 43.85
N LEU A 156 -1.52 20.01 44.60
CA LEU A 156 -1.50 19.89 46.06
C LEU A 156 -2.60 20.80 46.60
N PRO A 157 -3.61 20.19 47.25
CA PRO A 157 -4.72 20.98 47.77
C PRO A 157 -4.28 21.79 49.00
N SER A 158 -4.85 22.97 49.14
CA SER A 158 -4.43 23.92 50.17
C SER A 158 -5.41 25.09 50.20
N ALA A 159 -5.26 25.97 51.18
CA ALA A 159 -6.14 27.12 51.32
C ALA A 159 -5.74 28.23 50.34
N ASP A 160 -4.53 28.13 49.81
CA ASP A 160 -3.95 29.18 48.99
C ASP A 160 -4.42 29.15 47.53
N GLU A 161 -4.94 28.00 47.10
CA GLU A 161 -5.26 27.80 45.69
C GLU A 161 -6.71 27.40 45.41
N ILE A 162 -7.38 28.22 44.61
CA ILE A 162 -8.63 27.82 43.99
C ILE A 162 -8.39 27.73 42.48
N TYR A 163 -9.11 26.82 41.81
CA TYR A 163 -8.82 26.51 40.41
C TYR A 163 -10.03 26.65 39.47
N ASP A 164 -9.75 26.89 38.20
CA ASP A 164 -10.79 26.86 37.18
C ASP A 164 -10.38 25.98 36.02
N CYS A 165 -11.37 25.43 35.33
CA CYS A 165 -11.15 24.80 34.06
C CYS A 165 -11.67 25.77 33.02
N LYS A 166 -10.84 26.10 32.04
CA LYS A 166 -11.24 27.07 31.02
C LYS A 166 -11.40 26.37 29.68
N VAL A 167 -12.59 26.49 29.08
CA VAL A 167 -12.92 25.77 27.86
C VAL A 167 -13.41 26.71 26.77
N GLU A 168 -12.80 26.63 25.60
CA GLU A 168 -13.16 27.45 24.47
C GLU A 168 -13.64 26.57 23.32
N HIS A 169 -14.80 26.91 22.75
CA HIS A 169 -15.41 26.10 21.71
C HIS A 169 -16.41 26.97 20.96
N TRP A 170 -16.54 26.74 19.65
CA TRP A 170 -17.43 27.51 18.79
C TRP A 170 -18.91 27.46 19.18
N GLY A 171 -19.27 26.50 20.03
CA GLY A 171 -20.63 26.42 20.51
C GLY A 171 -20.83 27.33 21.72
N LEU A 172 -19.74 27.93 22.19
CA LEU A 172 -19.77 28.87 23.30
C LEU A 172 -19.56 30.31 22.81
N ASP A 173 -20.36 31.22 23.36
CA ASP A 173 -20.26 32.66 23.05
C ASP A 173 -18.94 33.24 23.54
N GLN A 174 -18.57 32.87 24.76
CA GLN A 174 -17.35 33.34 25.40
C GLN A 174 -16.78 32.14 26.15
N PRO A 175 -15.50 32.21 26.59
CA PRO A 175 -14.94 31.06 27.30
C PRO A 175 -15.78 30.61 28.48
N LEU A 176 -15.91 29.30 28.67
CA LEU A 176 -16.62 28.78 29.82
C LEU A 176 -15.59 28.45 30.89
N LEU A 177 -15.80 28.99 32.08
CA LEU A 177 -14.96 28.67 33.22
C LEU A 177 -15.76 27.86 34.21
N LYS A 178 -15.32 26.64 34.48
CA LYS A 178 -15.95 25.83 35.51
C LYS A 178 -15.03 25.84 36.71
N HIS A 179 -15.53 26.37 37.82
CA HIS A 179 -14.71 26.64 38.99
C HIS A 179 -14.70 25.46 39.95
N TRP A 180 -13.55 25.23 40.59
CA TRP A 180 -13.46 24.22 41.63
C TRP A 180 -12.59 24.70 42.78
N GLU A 181 -13.02 24.40 44.01
CA GLU A 181 -12.24 24.73 45.21
C GLU A 181 -12.49 23.73 46.32
N PRO A 182 -11.45 23.47 47.16
CA PRO A 182 -11.60 22.58 48.31
C PRO A 182 -12.57 23.17 49.35
N SER B 5 -16.71 32.38 13.60
CA SER B 5 -16.86 30.93 13.77
C SER B 5 -16.77 30.17 12.44
N PRO B 6 -15.65 29.47 12.23
CA PRO B 6 -15.33 28.78 10.96
C PRO B 6 -16.33 27.67 10.59
N GLU B 7 -16.49 27.46 9.29
CA GLU B 7 -17.22 26.31 8.81
C GLU B 7 -16.42 25.06 9.14
N ASP B 8 -17.09 23.92 9.21
CA ASP B 8 -16.38 22.66 9.36
C ASP B 8 -17.23 21.52 8.82
N PHE B 9 -16.56 20.47 8.34
CA PHE B 9 -17.24 19.29 7.85
C PHE B 9 -16.50 18.12 8.42
N VAL B 10 -17.24 17.20 9.01
CA VAL B 10 -16.62 16.11 9.76
C VAL B 10 -16.96 14.75 9.16
N TYR B 11 -15.96 13.87 9.15
CA TYR B 11 -16.09 12.50 8.69
C TYR B 11 -15.62 11.56 9.80
N GLN B 12 -16.38 10.51 10.05
CA GLN B 12 -15.99 9.51 11.03
C GLN B 12 -16.22 8.15 10.42
N PHE B 13 -15.22 7.30 10.53
CA PHE B 13 -15.37 5.90 10.18
C PHE B 13 -15.02 5.12 11.43
N LYS B 14 -15.97 4.31 11.92
CA LYS B 14 -15.77 3.56 13.16
C LYS B 14 -15.86 2.06 12.91
N GLY B 15 -14.86 1.33 13.38
CA GLY B 15 -14.91 -0.11 13.34
C GLY B 15 -15.14 -0.60 14.74
N LEU B 16 -16.28 -1.25 14.96
CA LEU B 16 -16.67 -1.70 16.29
C LEU B 16 -16.70 -3.22 16.39
N CYS B 17 -16.18 -3.75 17.49
CA CYS B 17 -16.22 -5.17 17.75
C CYS B 17 -16.99 -5.45 19.02
N TYR B 18 -18.05 -6.23 18.91
CA TYR B 18 -18.88 -6.58 20.06
C TYR B 18 -18.64 -8.03 20.47
N PHE B 19 -18.34 -8.25 21.75
CA PHE B 19 -17.99 -9.58 22.24
C PHE B 19 -18.95 -10.01 23.34
N THR B 20 -19.38 -11.27 23.29
CA THR B 20 -20.18 -11.85 24.37
C THR B 20 -19.69 -13.25 24.70
N ASN B 21 -19.57 -13.55 26.00
CA ASN B 21 -19.19 -14.88 26.48
C ASN B 21 -17.86 -15.28 25.85
N GLY B 22 -16.79 -14.54 26.17
CA GLY B 22 -15.51 -14.76 25.52
C GLY B 22 -15.55 -14.33 24.08
N THR B 23 -15.24 -15.26 23.17
CA THR B 23 -15.38 -14.99 21.73
C THR B 23 -16.36 -15.98 21.10
N GLU B 24 -17.20 -16.60 21.92
CA GLU B 24 -18.21 -17.51 21.42
C GLU B 24 -19.11 -16.76 20.46
N ARG B 25 -19.43 -15.52 20.82
CA ARG B 25 -20.32 -14.67 20.04
C ARG B 25 -19.63 -13.34 19.71
N VAL B 26 -19.30 -13.15 18.43
CA VAL B 26 -18.62 -11.94 18.00
C VAL B 26 -19.36 -11.25 16.85
N ARG B 27 -19.59 -9.96 16.98
CA ARG B 27 -20.29 -9.19 15.96
C ARG B 27 -19.46 -7.96 15.67
N GLY B 28 -19.31 -7.62 14.39
CA GLY B 28 -18.57 -6.45 14.01
C GLY B 28 -19.46 -5.49 13.27
N VAL B 29 -19.38 -4.20 13.58
CA VAL B 29 -20.07 -3.23 12.74
C VAL B 29 -19.18 -2.03 12.39
N THR B 30 -19.28 -1.59 11.14
CA THR B 30 -18.55 -0.42 10.73
C THR B 30 -19.59 0.63 10.39
N ARG B 31 -19.26 1.88 10.71
CA ARG B 31 -20.17 2.97 10.48
C ARG B 31 -19.43 4.06 9.74
N HIS B 32 -20.02 4.52 8.64
CA HIS B 32 -19.54 5.71 7.98
C HIS B 32 -20.47 6.86 8.32
N ILE B 33 -19.89 7.97 8.77
CA ILE B 33 -20.63 9.05 9.40
C ILE B 33 -20.22 10.39 8.79
N TYR B 34 -21.21 11.17 8.37
CA TYR B 34 -20.94 12.52 7.90
C TYR B 34 -21.46 13.51 8.94
N ASN B 35 -20.57 14.32 9.49
CA ASN B 35 -20.92 15.13 10.66
C ASN B 35 -21.42 14.24 11.82
N ARG B 36 -22.73 14.22 12.06
CA ARG B 36 -23.26 13.39 13.14
C ARG B 36 -24.11 12.27 12.59
N GLU B 37 -24.15 12.18 11.27
CA GLU B 37 -25.12 11.31 10.62
C GLU B 37 -24.52 10.05 9.99
N GLU B 38 -24.84 8.90 10.56
CA GLU B 38 -24.44 7.63 9.97
C GLU B 38 -25.18 7.41 8.64
N TYR B 39 -24.43 7.28 7.55
CA TYR B 39 -25.07 7.11 6.25
C TYR B 39 -25.03 5.70 5.69
N VAL B 40 -24.00 4.92 6.06
CA VAL B 40 -23.92 3.53 5.63
C VAL B 40 -23.31 2.65 6.71
N ARG B 41 -23.84 1.45 6.85
CA ARG B 41 -23.42 0.56 7.91
C ARG B 41 -23.14 -0.82 7.35
N PHE B 42 -22.06 -1.44 7.84
CA PHE B 42 -21.92 -2.87 7.68
C PHE B 42 -22.08 -3.50 9.04
N ASP B 43 -22.96 -4.49 9.14
CA ASP B 43 -23.20 -5.19 10.39
C ASP B 43 -23.08 -6.69 10.11
N SER B 44 -22.11 -7.35 10.73
CA SER B 44 -21.84 -8.77 10.40
C SER B 44 -23.05 -9.69 10.65
N ASP B 45 -23.98 -9.26 11.51
CA ASP B 45 -25.23 -9.98 11.68
C ASP B 45 -26.11 -9.90 10.44
N VAL B 46 -25.94 -8.81 9.68
CA VAL B 46 -26.70 -8.62 8.44
C VAL B 46 -25.96 -9.17 7.20
N GLY B 47 -24.65 -8.94 7.11
CA GLY B 47 -23.83 -9.60 6.10
C GLY B 47 -23.62 -8.80 4.84
N VAL B 48 -24.35 -7.71 4.69
CA VAL B 48 -24.17 -6.80 3.55
C VAL B 48 -24.22 -5.36 4.03
N TYR B 49 -23.75 -4.41 3.21
CA TYR B 49 -23.89 -3.00 3.55
C TYR B 49 -25.35 -2.57 3.48
N ARG B 50 -25.71 -1.66 4.36
CA ARG B 50 -27.05 -1.13 4.44
C ARG B 50 -26.97 0.39 4.46
N ALA B 51 -27.64 1.03 3.52
CA ALA B 51 -27.79 2.48 3.59
C ALA B 51 -28.58 2.83 4.84
N VAL B 52 -28.16 3.87 5.53
CA VAL B 52 -28.87 4.32 6.72
C VAL B 52 -29.64 5.61 6.43
N THR B 53 -29.12 6.37 5.48
CA THR B 53 -29.79 7.58 4.98
C THR B 53 -29.83 7.51 3.45
N PRO B 54 -30.60 8.41 2.79
CA PRO B 54 -30.57 8.33 1.32
C PRO B 54 -29.17 8.49 0.73
N GLN B 55 -28.37 9.40 1.29
CA GLN B 55 -27.00 9.61 0.82
C GLN B 55 -26.13 8.35 0.88
N GLY B 56 -26.59 7.32 1.60
CA GLY B 56 -25.84 6.09 1.73
C GLY B 56 -26.21 5.01 0.71
N ARG B 57 -27.33 5.22 0.01
CA ARG B 57 -27.85 4.26 -0.96
C ARG B 57 -26.90 3.86 -2.09
N PRO B 58 -26.32 4.84 -2.81
CA PRO B 58 -25.47 4.40 -3.94
C PRO B 58 -24.18 3.76 -3.43
N VAL B 59 -23.78 4.14 -2.22
CA VAL B 59 -22.59 3.63 -1.56
C VAL B 59 -22.79 2.16 -1.24
N ALA B 60 -23.85 1.85 -0.50
CA ALA B 60 -24.18 0.46 -0.15
C ALA B 60 -24.41 -0.42 -1.38
N GLU B 61 -25.10 0.13 -2.37
CA GLU B 61 -25.40 -0.58 -3.61
C GLU B 61 -24.09 -0.98 -4.32
N TYR B 62 -23.20 -0.03 -4.50
CA TYR B 62 -21.93 -0.32 -5.14
C TYR B 62 -21.11 -1.38 -4.37
N TRP B 63 -20.84 -1.13 -3.09
CA TRP B 63 -20.02 -2.06 -2.33
C TRP B 63 -20.60 -3.46 -2.27
N ASN B 64 -21.92 -3.57 -2.21
CA ASN B 64 -22.55 -4.90 -2.19
C ASN B 64 -22.37 -5.62 -3.51
N SER B 65 -22.08 -4.87 -4.58
CA SER B 65 -21.88 -5.48 -5.91
C SER B 65 -20.44 -5.97 -6.10
N GLN B 66 -19.52 -5.45 -5.28
CA GLN B 66 -18.08 -5.75 -5.40
C GLN B 66 -17.65 -6.83 -4.43
N LYS B 67 -17.40 -8.04 -4.94
CA LYS B 67 -17.15 -9.18 -4.06
C LYS B 67 -15.92 -9.02 -3.16
N GLU B 68 -14.95 -8.24 -3.62
CA GLU B 68 -13.73 -7.96 -2.88
C GLU B 68 -14.04 -7.13 -1.61
N VAL B 69 -14.86 -6.10 -1.78
CA VAL B 69 -15.24 -5.26 -0.66
C VAL B 69 -16.09 -6.08 0.30
N LEU B 70 -17.07 -6.77 -0.24
CA LEU B 70 -18.02 -7.54 0.56
C LEU B 70 -17.32 -8.62 1.37
N GLU B 71 -16.34 -9.26 0.76
CA GLU B 71 -15.61 -10.32 1.45
C GLU B 71 -14.62 -9.76 2.46
N GLY B 72 -14.04 -8.61 2.15
CA GLY B 72 -13.21 -7.91 3.12
C GLY B 72 -14.01 -7.57 4.38
N ALA B 73 -15.23 -7.05 4.20
CA ALA B 73 -16.07 -6.69 5.36
C ALA B 73 -16.48 -7.92 6.16
N ARG B 74 -16.77 -9.01 5.44
CA ARG B 74 -17.23 -10.23 6.08
C ARG B 74 -16.12 -10.91 6.86
N ALA B 75 -14.87 -10.72 6.42
CA ALA B 75 -13.70 -11.34 7.07
C ALA B 75 -13.26 -10.57 8.31
N SER B 76 -13.75 -9.34 8.44
CA SER B 76 -13.37 -8.43 9.52
C SER B 76 -13.51 -9.03 10.92
N VAL B 77 -14.56 -9.82 11.11
CA VAL B 77 -14.86 -10.42 12.40
C VAL B 77 -13.72 -11.34 12.88
N ASP B 78 -13.14 -12.10 11.97
CA ASP B 78 -12.01 -12.97 12.32
C ASP B 78 -10.69 -12.20 12.26
N ARG B 79 -10.48 -11.44 11.20
CA ARG B 79 -9.19 -10.80 10.99
C ARG B 79 -8.95 -9.59 11.87
N VAL B 80 -10.03 -8.99 12.37
CA VAL B 80 -9.88 -7.82 13.25
C VAL B 80 -10.40 -8.12 14.66
N CYS B 81 -11.69 -8.44 14.78
CA CYS B 81 -12.26 -8.63 16.13
C CYS B 81 -11.64 -9.81 16.90
N ARG B 82 -11.72 -11.02 16.36
CA ARG B 82 -11.12 -12.16 17.06
C ARG B 82 -9.61 -12.05 17.20
N HIS B 83 -8.93 -11.66 16.13
CA HIS B 83 -7.49 -11.41 16.18
C HIS B 83 -7.10 -10.46 17.35
N ASN B 84 -7.76 -9.31 17.46
CA ASN B 84 -7.40 -8.33 18.47
C ASN B 84 -7.69 -8.81 19.89
N TYR B 85 -8.66 -9.70 20.02
CA TYR B 85 -9.06 -10.21 21.33
C TYR B 85 -7.94 -11.08 21.90
N GLU B 86 -7.33 -11.88 21.03
CA GLU B 86 -6.22 -12.74 21.42
C GLU B 86 -4.93 -11.95 21.60
N VAL B 87 -4.71 -10.94 20.78
CA VAL B 87 -3.49 -10.14 20.88
C VAL B 87 -3.53 -9.17 22.05
N ALA B 88 -4.68 -8.53 22.28
CA ALA B 88 -4.78 -7.47 23.28
C ALA B 88 -5.92 -7.57 24.32
N TYR B 89 -7.15 -7.80 23.85
CA TYR B 89 -8.30 -7.66 24.76
C TYR B 89 -8.34 -8.69 25.88
N ARG B 90 -7.98 -9.94 25.59
CA ARG B 90 -7.94 -10.97 26.64
C ARG B 90 -7.01 -10.49 27.77
N GLY B 91 -5.87 -9.95 27.41
CA GLY B 91 -4.94 -9.37 28.37
C GLY B 91 -5.52 -8.19 29.15
N ILE B 92 -6.14 -7.25 28.45
CA ILE B 92 -6.72 -6.08 29.09
C ILE B 92 -7.79 -6.50 30.09
N LEU B 93 -8.54 -7.55 29.77
CA LEU B 93 -9.61 -8.04 30.64
C LEU B 93 -9.12 -8.67 31.94
N GLN B 94 -7.82 -8.82 32.08
CA GLN B 94 -7.24 -9.39 33.29
C GLN B 94 -6.89 -8.30 34.30
N ARG B 95 -6.98 -7.05 33.85
CA ARG B 95 -6.67 -5.90 34.68
C ARG B 95 -7.67 -5.80 35.84
N ARG B 96 -7.14 -5.63 37.04
CA ARG B 96 -7.95 -5.48 38.25
C ARG B 96 -7.31 -4.40 39.11
N VAL B 97 -8.06 -3.35 39.43
CA VAL B 97 -7.58 -2.36 40.37
C VAL B 97 -8.60 -2.24 41.50
N GLU B 98 -8.16 -2.49 42.72
CA GLU B 98 -9.03 -2.46 43.89
C GLU B 98 -9.54 -1.07 44.20
N PRO B 99 -10.80 -0.97 44.60
CA PRO B 99 -11.37 0.32 45.00
C PRO B 99 -10.82 0.85 46.34
N THR B 100 -10.64 2.16 46.43
CA THR B 100 -10.41 2.80 47.71
C THR B 100 -11.78 3.22 48.25
N VAL B 101 -12.03 2.94 49.53
CA VAL B 101 -13.33 3.25 50.12
C VAL B 101 -13.20 4.23 51.27
N THR B 102 -13.92 5.34 51.18
CA THR B 102 -13.76 6.46 52.08
C THR B 102 -15.10 7.05 52.50
N ILE B 103 -15.31 7.20 53.80
CA ILE B 103 -16.51 7.83 54.31
C ILE B 103 -16.25 9.26 54.72
N SER B 104 -17.12 10.17 54.30
CA SER B 104 -16.97 11.56 54.67
C SER B 104 -18.35 12.21 54.87
N PRO B 105 -18.55 12.89 56.01
CA PRO B 105 -19.82 13.61 56.16
C PRO B 105 -19.85 14.84 55.27
N SER B 106 -21.01 15.18 54.72
CA SER B 106 -21.09 16.29 53.78
C SER B 106 -21.12 17.63 54.52
N ASN B 115 -28.02 16.12 57.64
CA ASN B 115 -26.92 15.19 57.84
C ASN B 115 -26.79 14.13 56.72
N LEU B 116 -25.62 14.09 56.10
CA LEU B 116 -25.38 13.22 54.95
C LEU B 116 -24.02 12.56 55.03
N LEU B 117 -23.98 11.24 54.86
CA LEU B 117 -22.72 10.53 54.82
C LEU B 117 -22.41 10.21 53.35
N ILE B 118 -21.17 10.47 52.94
CA ILE B 118 -20.75 10.19 51.59
C ILE B 118 -19.73 9.08 51.55
N CYS B 119 -20.10 7.95 50.97
CA CYS B 119 -19.13 6.88 50.75
C CYS B 119 -18.56 6.95 49.34
N SER B 120 -17.28 7.33 49.25
CA SER B 120 -16.56 7.44 47.99
C SER B 120 -15.83 6.16 47.71
N VAL B 121 -16.12 5.58 46.55
CA VAL B 121 -15.46 4.37 46.11
C VAL B 121 -14.70 4.74 44.83
N THR B 122 -13.38 4.81 44.92
CA THR B 122 -12.58 5.47 43.89
C THR B 122 -11.48 4.59 43.33
N ASP B 123 -11.03 4.91 42.12
CA ASP B 123 -9.93 4.22 41.46
C ASP B 123 -10.07 2.70 41.35
N PHE B 124 -11.21 2.24 40.82
CA PHE B 124 -11.36 0.80 40.61
C PHE B 124 -11.49 0.46 39.11
N TYR B 125 -11.20 -0.80 38.77
CA TYR B 125 -11.39 -1.36 37.42
C TYR B 125 -11.45 -2.88 37.53
N PRO B 126 -12.41 -3.52 36.84
CA PRO B 126 -13.43 -2.96 35.95
C PRO B 126 -14.62 -2.33 36.69
N SER B 127 -15.71 -2.10 35.96
CA SER B 127 -16.77 -1.23 36.42
C SER B 127 -17.77 -1.88 37.36
N GLN B 128 -17.82 -3.21 37.39
CA GLN B 128 -18.81 -3.91 38.21
C GLN B 128 -18.60 -3.64 39.69
N ILE B 129 -19.56 -3.00 40.33
CA ILE B 129 -19.38 -2.63 41.71
C ILE B 129 -20.69 -2.75 42.46
N LYS B 130 -20.59 -3.22 43.70
CA LYS B 130 -21.73 -3.29 44.60
C LYS B 130 -21.40 -2.52 45.87
N VAL B 131 -22.26 -1.56 46.20
CA VAL B 131 -22.09 -0.76 47.40
C VAL B 131 -23.38 -0.75 48.20
N ARG B 132 -23.28 -1.10 49.48
CA ARG B 132 -24.41 -1.08 50.38
C ARG B 132 -24.09 -0.28 51.64
N TRP B 133 -25.09 0.35 52.22
CA TRP B 133 -24.95 1.07 53.48
C TRP B 133 -25.63 0.31 54.61
N PHE B 134 -25.00 0.25 55.77
CA PHE B 134 -25.60 -0.35 56.97
C PHE B 134 -25.61 0.61 58.15
N ARG B 135 -26.65 0.51 58.96
CA ARG B 135 -26.70 1.22 60.23
C ARG B 135 -26.92 0.17 61.29
N ASN B 136 -25.96 0.03 62.21
CA ASN B 136 -26.07 -0.97 63.27
C ASN B 136 -26.40 -2.36 62.72
N ASP B 137 -25.65 -2.76 61.69
CA ASP B 137 -25.83 -4.04 61.00
C ASP B 137 -27.20 -4.25 60.30
N GLN B 138 -27.99 -3.18 60.20
CA GLN B 138 -29.25 -3.23 59.46
C GLN B 138 -29.06 -2.39 58.20
N GLU B 139 -29.40 -2.95 57.04
CA GLU B 139 -29.14 -2.27 55.78
C GLU B 139 -30.05 -1.07 55.56
N GLU B 140 -29.46 0.05 55.12
CA GLU B 140 -30.24 1.24 54.78
C GLU B 140 -30.51 1.28 53.28
N THR B 141 -31.70 1.72 52.89
CA THR B 141 -32.06 1.81 51.47
C THR B 141 -32.87 3.08 51.18
N ALA B 142 -33.82 3.40 52.06
CA ALA B 142 -34.71 4.53 51.89
C ALA B 142 -33.96 5.87 51.77
N GLY B 143 -32.90 6.04 52.55
CA GLY B 143 -32.15 7.29 52.53
C GLY B 143 -30.89 7.28 51.67
N VAL B 144 -30.75 6.30 50.79
CA VAL B 144 -29.56 6.16 49.97
C VAL B 144 -29.76 6.65 48.54
N VAL B 145 -28.80 7.43 48.05
CA VAL B 145 -28.76 7.83 46.64
C VAL B 145 -27.33 7.62 46.12
N SER B 146 -27.20 7.01 44.95
CA SER B 146 -25.89 6.93 44.29
C SER B 146 -25.82 7.67 42.96
N THR B 147 -24.59 8.06 42.61
CA THR B 147 -24.36 8.61 41.30
C THR B 147 -24.32 7.43 40.33
N PRO B 148 -24.42 7.71 39.03
CA PRO B 148 -24.03 6.66 38.08
C PRO B 148 -22.53 6.38 38.23
N LEU B 149 -22.07 5.29 37.64
CA LEU B 149 -20.65 5.05 37.44
C LEU B 149 -20.00 6.27 36.80
N ILE B 150 -18.79 6.61 37.24
CA ILE B 150 -18.10 7.77 36.72
C ILE B 150 -16.77 7.35 36.10
N ARG B 151 -16.60 7.65 34.82
CA ARG B 151 -15.38 7.31 34.09
C ARG B 151 -14.34 8.41 34.28
N ASN B 152 -13.19 8.07 34.86
CA ASN B 152 -12.14 9.04 35.09
C ASN B 152 -11.33 9.28 33.81
N GLY B 153 -11.35 8.29 32.92
CA GLY B 153 -10.64 8.41 31.67
C GLY B 153 -9.23 7.81 31.71
N ASP B 154 -8.75 7.48 32.91
CA ASP B 154 -7.41 6.92 33.08
C ASP B 154 -7.50 5.41 33.33
N TRP B 155 -8.54 4.78 32.80
CA TRP B 155 -8.80 3.37 33.06
C TRP B 155 -9.15 3.08 34.53
N THR B 156 -9.79 4.04 35.20
CA THR B 156 -10.40 3.75 36.51
C THR B 156 -11.77 4.40 36.56
N PHE B 157 -12.62 3.86 37.43
CA PHE B 157 -13.90 4.48 37.70
C PHE B 157 -13.98 4.98 39.13
N GLN B 158 -14.99 5.78 39.40
CA GLN B 158 -15.38 6.04 40.76
C GLN B 158 -16.90 6.09 40.83
N ILE B 159 -17.43 5.98 42.04
CA ILE B 159 -18.85 6.15 42.29
C ILE B 159 -19.04 6.70 43.71
N LEU B 160 -20.06 7.54 43.91
CA LEU B 160 -20.40 8.07 45.22
C LEU B 160 -21.77 7.58 45.65
N VAL B 161 -21.86 7.03 46.86
CA VAL B 161 -23.16 6.64 47.37
C VAL B 161 -23.45 7.25 48.74
N MET B 162 -24.43 8.15 48.72
CA MET B 162 -24.76 9.01 49.86
C MET B 162 -25.81 8.39 50.77
N LEU B 163 -25.74 8.67 52.07
CA LEU B 163 -26.78 8.21 52.99
C LEU B 163 -27.33 9.36 53.83
N GLU B 164 -28.62 9.62 53.70
CA GLU B 164 -29.33 10.52 54.59
C GLU B 164 -29.34 9.86 55.95
N MET B 165 -28.93 10.58 56.98
CA MET B 165 -28.98 10.00 58.33
C MET B 165 -29.20 11.06 59.40
N THR B 166 -29.49 10.58 60.61
CA THR B 166 -29.60 11.43 61.80
C THR B 166 -28.84 10.68 62.88
N PRO B 167 -27.60 11.09 63.13
CA PRO B 167 -26.71 10.30 63.97
C PRO B 167 -27.08 10.45 65.45
N GLN B 168 -27.30 9.33 66.12
CA GLN B 168 -27.37 9.27 67.57
C GLN B 168 -26.00 8.78 68.08
N ARG B 169 -25.71 9.07 69.35
CA ARG B 169 -24.51 8.55 70.02
C ARG B 169 -24.59 7.04 70.07
N GLY B 170 -23.50 6.36 69.73
CA GLY B 170 -23.50 4.90 69.75
C GLY B 170 -23.76 4.23 68.41
N ASP B 171 -24.40 4.95 67.48
CA ASP B 171 -24.71 4.37 66.15
C ASP B 171 -23.45 4.08 65.35
N VAL B 172 -23.43 2.94 64.67
CA VAL B 172 -22.33 2.66 63.77
C VAL B 172 -22.81 2.47 62.32
N TYR B 173 -22.20 3.25 61.41
CA TYR B 173 -22.55 3.17 59.99
C TYR B 173 -21.46 2.48 59.22
N THR B 174 -21.84 1.57 58.33
CA THR B 174 -20.84 0.92 57.52
C THR B 174 -21.15 0.89 56.02
N CYS B 175 -20.17 1.36 55.27
CA CYS B 175 -20.14 1.26 53.81
C CYS B 175 -19.55 -0.08 53.43
N HIS B 176 -20.28 -0.86 52.64
CA HIS B 176 -19.92 -2.24 52.30
C HIS B 176 -19.73 -2.34 50.80
N VAL B 177 -18.53 -2.74 50.38
CA VAL B 177 -18.18 -2.73 48.97
C VAL B 177 -17.67 -4.08 48.43
N GLU B 178 -18.29 -4.53 47.33
CA GLU B 178 -17.85 -5.71 46.60
C GLU B 178 -17.46 -5.35 45.17
N HIS B 179 -16.49 -6.08 44.63
CA HIS B 179 -15.89 -5.79 43.33
C HIS B 179 -15.10 -7.02 42.91
N PRO B 180 -14.96 -7.27 41.59
CA PRO B 180 -14.27 -8.51 41.20
C PRO B 180 -12.81 -8.61 41.63
N SER B 181 -12.17 -7.49 41.95
CA SER B 181 -10.78 -7.52 42.44
C SER B 181 -10.65 -7.83 43.94
N LEU B 182 -11.76 -8.19 44.59
CA LEU B 182 -11.76 -8.38 46.05
C LEU B 182 -12.24 -9.78 46.40
N GLN B 183 -11.37 -10.54 47.05
CA GLN B 183 -11.71 -11.86 47.56
C GLN B 183 -12.82 -11.76 48.61
N SER B 184 -12.75 -10.71 49.42
CA SER B 184 -13.78 -10.44 50.41
C SER B 184 -14.15 -8.95 50.40
N PRO B 185 -15.37 -8.60 50.85
CA PRO B 185 -15.86 -7.22 50.85
C PRO B 185 -15.02 -6.27 51.69
N ILE B 186 -14.77 -5.07 51.17
CA ILE B 186 -14.22 -4.01 52.01
C ILE B 186 -15.39 -3.40 52.80
N THR B 187 -15.20 -3.19 54.10
CA THR B 187 -16.16 -2.49 54.94
C THR B 187 -15.45 -1.32 55.60
N VAL B 188 -16.05 -0.14 55.57
CA VAL B 188 -15.51 1.00 56.31
C VAL B 188 -16.57 1.52 57.28
N GLU B 189 -16.13 1.90 58.49
CA GLU B 189 -17.03 2.39 59.52
C GLU B 189 -16.98 3.89 59.75
N TRP B 190 -18.12 4.43 60.14
CA TRP B 190 -18.20 5.81 60.60
C TRP B 190 -19.03 5.83 61.88
N ARG B 191 -18.47 6.43 62.93
CA ARG B 191 -19.13 6.50 64.21
C ARG B 191 -19.53 7.92 64.52
N ALA B 192 -20.72 8.06 65.06
CA ALA B 192 -21.15 9.32 65.64
C ALA B 192 -20.15 9.71 66.72
N GLN B 193 -19.50 10.86 66.52
CA GLN B 193 -18.41 11.33 67.39
C GLN B 193 -18.89 12.04 68.66
N GLU C 4 13.73 -2.36 6.28
CA GLU C 4 13.02 -3.58 5.90
C GLU C 4 13.34 -3.98 4.47
N ASN C 5 14.00 -5.11 4.30
CA ASN C 5 14.40 -5.55 2.97
C ASN C 5 14.02 -6.99 2.68
N VAL C 6 13.98 -7.34 1.39
CA VAL C 6 13.74 -8.71 0.96
C VAL C 6 14.99 -9.17 0.21
N GLU C 7 15.49 -10.35 0.56
CA GLU C 7 16.74 -10.84 -0.01
C GLU C 7 16.43 -11.98 -0.95
N GLN C 8 16.95 -11.92 -2.18
CA GLN C 8 16.62 -12.93 -3.22
C GLN C 8 17.84 -13.57 -3.90
N HIS C 9 17.84 -14.90 -4.02
CA HIS C 9 18.94 -15.65 -4.64
C HIS C 9 18.41 -16.78 -5.53
N PRO C 10 19.11 -17.08 -6.65
CA PRO C 10 20.30 -16.41 -7.19
C PRO C 10 19.92 -15.23 -8.04
N SER C 11 20.91 -14.40 -8.40
CA SER C 11 20.64 -13.26 -9.27
C SER C 11 20.45 -13.68 -10.75
N THR C 12 21.08 -14.79 -11.14
CA THR C 12 20.87 -15.35 -12.49
C THR C 12 20.79 -16.86 -12.34
N LEU C 13 20.20 -17.51 -13.33
CA LEU C 13 19.98 -18.95 -13.28
C LEU C 13 19.65 -19.48 -14.68
N SER C 14 20.39 -20.51 -15.10
CA SER C 14 20.12 -21.18 -16.36
C SER C 14 19.74 -22.60 -16.06
N VAL C 15 18.65 -23.04 -16.68
CA VAL C 15 18.17 -24.39 -16.45
C VAL C 15 17.73 -24.99 -17.78
N GLN C 16 18.02 -26.27 -17.99
CA GLN C 16 17.64 -26.92 -19.24
C GLN C 16 16.13 -27.06 -19.32
N GLU C 17 15.60 -26.79 -20.51
CA GLU C 17 14.18 -26.97 -20.76
C GLU C 17 13.73 -28.32 -20.22
N GLY C 18 12.68 -28.32 -19.38
CA GLY C 18 12.17 -29.55 -18.81
C GLY C 18 12.61 -29.79 -17.38
N ASP C 19 13.70 -29.15 -16.96
CA ASP C 19 14.16 -29.23 -15.57
C ASP C 19 13.49 -28.19 -14.68
N SER C 20 13.57 -28.38 -13.36
CA SER C 20 12.95 -27.45 -12.42
C SER C 20 13.80 -26.23 -12.13
N ALA C 21 13.15 -25.14 -11.78
CA ALA C 21 13.84 -23.92 -11.43
C ALA C 21 13.37 -23.50 -10.05
N VAL C 22 14.29 -23.13 -9.18
CA VAL C 22 13.92 -22.75 -7.82
C VAL C 22 14.55 -21.42 -7.41
N ILE C 23 13.73 -20.53 -6.87
CA ILE C 23 14.22 -19.22 -6.40
C ILE C 23 13.86 -19.05 -4.93
N LYS C 24 14.82 -18.60 -4.12
CA LYS C 24 14.59 -18.46 -2.68
C LYS C 24 14.68 -17.00 -2.22
N CYS C 25 13.80 -16.62 -1.30
CA CYS C 25 13.81 -15.28 -0.75
C CYS C 25 13.73 -15.32 0.77
N THR C 26 14.29 -14.31 1.42
CA THR C 26 14.16 -14.15 2.87
C THR C 26 13.74 -12.71 3.13
N TYR C 27 12.91 -12.50 4.14
CA TYR C 27 12.45 -11.16 4.45
C TYR C 27 12.76 -10.83 5.93
N SER C 28 12.78 -9.55 6.26
CA SER C 28 13.26 -9.11 7.59
C SER C 28 12.16 -8.87 8.63
N ASP C 29 11.01 -8.38 8.17
CA ASP C 29 9.89 -8.05 9.04
C ASP C 29 8.95 -9.24 9.34
N SER C 30 8.86 -9.61 10.61
CA SER C 30 8.01 -10.72 11.04
C SER C 30 6.51 -10.44 10.86
N ALA C 31 6.15 -9.18 10.74
CA ALA C 31 4.76 -8.79 10.46
C ALA C 31 4.31 -9.01 8.99
N SER C 32 5.25 -9.32 8.11
CA SER C 32 4.92 -9.59 6.71
C SER C 32 3.89 -10.70 6.63
N ASN C 33 2.81 -10.48 5.88
CA ASN C 33 1.72 -11.44 5.82
C ASN C 33 1.26 -11.75 4.39
N TYR C 34 1.83 -11.05 3.41
CA TYR C 34 1.46 -11.25 2.01
C TYR C 34 2.72 -11.32 1.13
N PHE C 35 2.80 -12.32 0.26
CA PHE C 35 4.04 -12.58 -0.48
C PHE C 35 3.76 -12.92 -1.95
N PRO C 36 3.68 -11.90 -2.81
CA PRO C 36 3.46 -12.12 -4.24
C PRO C 36 4.77 -12.33 -5.02
N TRP C 37 4.66 -12.99 -6.17
CA TRP C 37 5.78 -13.22 -7.08
C TRP C 37 5.43 -12.66 -8.45
N TYR C 38 6.39 -11.96 -9.05
CA TYR C 38 6.19 -11.30 -10.33
C TYR C 38 7.14 -11.84 -11.40
N LYS C 39 6.61 -12.01 -12.61
CA LYS C 39 7.43 -12.36 -13.75
C LYS C 39 7.52 -11.14 -14.67
N GLN C 40 8.73 -10.74 -15.02
CA GLN C 40 8.90 -9.56 -15.87
C GLN C 40 9.67 -9.85 -17.14
N GLU C 41 9.01 -9.69 -18.28
CA GLU C 41 9.65 -9.84 -19.59
C GLU C 41 10.30 -8.53 -20.01
N LEU C 42 11.29 -8.63 -20.89
CA LEU C 42 12.04 -7.47 -21.34
C LEU C 42 11.13 -6.41 -21.93
N GLY C 43 11.34 -5.17 -21.51
CA GLY C 43 10.55 -4.05 -22.01
C GLY C 43 9.15 -3.97 -21.41
N LYS C 44 8.87 -4.83 -20.43
CA LYS C 44 7.51 -4.92 -19.91
C LYS C 44 7.35 -4.73 -18.40
N ARG C 45 6.10 -4.87 -17.99
CA ARG C 45 5.62 -4.82 -16.63
C ARG C 45 5.83 -6.08 -15.83
N PRO C 46 6.16 -5.96 -14.52
CA PRO C 46 6.09 -7.17 -13.70
C PRO C 46 4.67 -7.71 -13.68
N GLN C 47 4.53 -8.99 -14.04
CA GLN C 47 3.22 -9.63 -14.06
C GLN C 47 3.06 -10.52 -12.84
N LEU C 48 1.98 -10.30 -12.08
CA LEU C 48 1.66 -11.11 -10.90
C LEU C 48 1.31 -12.51 -11.34
N ILE C 49 2.07 -13.49 -10.87
CA ILE C 49 1.86 -14.88 -11.32
C ILE C 49 1.30 -15.78 -10.23
N ILE C 50 1.61 -15.47 -8.97
CA ILE C 50 1.12 -16.27 -7.85
C ILE C 50 1.41 -15.49 -6.57
N ASP C 51 0.63 -15.76 -5.52
CA ASP C 51 0.95 -15.18 -4.22
C ASP C 51 0.58 -16.15 -3.09
N ILE C 52 1.06 -15.86 -1.89
CA ILE C 52 0.77 -16.70 -0.75
C ILE C 52 0.68 -15.80 0.48
N ARG C 53 -0.14 -16.24 1.43
CA ARG C 53 -0.37 -15.50 2.67
C ARG C 53 0.11 -16.29 3.90
N SER C 54 0.36 -15.58 5.00
CA SER C 54 0.98 -16.16 6.19
C SER C 54 0.20 -17.29 6.86
N ASN C 55 -1.06 -17.47 6.51
CA ASN C 55 -1.83 -18.55 7.11
C ASN C 55 -1.70 -19.88 6.36
N VAL C 56 -0.80 -19.93 5.38
CA VAL C 56 -0.69 -21.08 4.49
C VAL C 56 0.78 -21.37 4.20
N GLY C 57 1.17 -22.64 4.17
CA GLY C 57 2.57 -23.00 4.02
C GLY C 57 2.95 -23.30 2.57
N GLU C 58 1.97 -23.66 1.75
CA GLU C 58 2.22 -24.01 0.36
C GLU C 58 1.02 -23.69 -0.52
N LYS C 59 1.29 -23.41 -1.79
CA LYS C 59 0.26 -23.17 -2.78
C LYS C 59 0.83 -23.57 -4.15
N LYS C 60 0.01 -24.26 -4.93
CA LYS C 60 0.39 -24.66 -6.28
C LYS C 60 -0.62 -24.19 -7.31
N ASP C 61 -0.11 -23.80 -8.47
CA ASP C 61 -0.96 -23.42 -9.59
C ASP C 61 -0.23 -23.88 -10.86
N GLN C 62 -0.72 -24.97 -11.45
CA GLN C 62 -0.16 -25.52 -12.67
C GLN C 62 1.31 -25.85 -12.50
N ARG C 63 2.19 -25.27 -13.32
CA ARG C 63 3.61 -25.60 -13.21
C ARG C 63 4.32 -24.89 -12.04
N ILE C 64 3.70 -23.88 -11.45
CA ILE C 64 4.43 -23.15 -10.40
C ILE C 64 3.94 -23.43 -8.99
N ALA C 65 4.88 -23.42 -8.04
CA ALA C 65 4.56 -23.62 -6.64
C ALA C 65 5.25 -22.57 -5.78
N VAL C 66 4.59 -22.13 -4.71
CA VAL C 66 5.28 -21.32 -3.71
C VAL C 66 5.17 -21.94 -2.32
N THR C 67 6.23 -21.77 -1.53
CA THR C 67 6.25 -22.26 -0.17
C THR C 67 6.58 -21.11 0.76
N LEU C 68 6.12 -21.19 2.00
CA LEU C 68 6.39 -20.14 2.98
C LEU C 68 6.70 -20.77 4.32
N ASN C 69 7.77 -20.30 4.95
CA ASN C 69 8.14 -20.70 6.30
C ASN C 69 8.28 -19.42 7.12
N LYS C 70 7.20 -19.02 7.78
CA LYS C 70 7.15 -17.80 8.59
C LYS C 70 8.22 -17.77 9.67
N THR C 71 8.47 -18.93 10.27
CA THR C 71 9.43 -19.02 11.35
C THR C 71 10.83 -18.65 10.86
N ALA C 72 11.26 -19.29 9.78
CA ALA C 72 12.56 -18.99 9.19
C ALA C 72 12.55 -17.70 8.38
N LYS C 73 11.35 -17.15 8.14
CA LYS C 73 11.15 -16.03 7.22
C LYS C 73 11.79 -16.32 5.87
N HIS C 74 11.52 -17.53 5.37
CA HIS C 74 11.94 -17.97 4.04
C HIS C 74 10.70 -18.21 3.21
N PHE C 75 10.78 -17.86 1.92
CA PHE C 75 9.76 -18.25 0.97
C PHE C 75 10.36 -18.48 -0.40
N SER C 76 9.78 -19.42 -1.14
CA SER C 76 10.37 -19.86 -2.40
C SER C 76 9.36 -20.03 -3.54
N LEU C 77 9.87 -19.93 -4.76
CA LEU C 77 9.11 -20.18 -5.98
C LEU C 77 9.73 -21.37 -6.70
N HIS C 78 8.91 -22.38 -7.02
CA HIS C 78 9.36 -23.52 -7.81
C HIS C 78 8.66 -23.48 -9.16
N ILE C 79 9.42 -23.65 -10.24
CA ILE C 79 8.80 -23.80 -11.55
C ILE C 79 9.18 -25.17 -12.08
N THR C 80 8.20 -26.05 -12.25
CA THR C 80 8.54 -27.39 -12.70
C THR C 80 8.45 -27.53 -14.21
N GLU C 81 9.24 -28.45 -14.74
CA GLU C 81 9.38 -28.67 -16.18
C GLU C 81 9.31 -27.38 -17.00
N THR C 82 10.35 -26.57 -16.82
CA THR C 82 10.40 -25.23 -17.40
C THR C 82 10.24 -25.29 -18.92
N GLN C 83 9.56 -24.29 -19.46
CA GLN C 83 9.34 -24.12 -20.89
C GLN C 83 10.05 -22.82 -21.29
N PRO C 84 10.35 -22.66 -22.59
CA PRO C 84 11.21 -21.54 -23.00
C PRO C 84 10.60 -20.17 -22.67
N GLU C 85 9.28 -20.11 -22.64
CA GLU C 85 8.58 -18.87 -22.34
C GLU C 85 8.63 -18.52 -20.84
N ASP C 86 9.28 -19.37 -20.04
CA ASP C 86 9.50 -19.06 -18.63
C ASP C 86 10.71 -18.14 -18.48
N SER C 87 11.47 -17.93 -19.56
CA SER C 87 12.61 -17.03 -19.50
C SER C 87 12.15 -15.61 -19.23
N ALA C 88 12.59 -15.04 -18.10
CA ALA C 88 12.24 -13.69 -17.69
C ALA C 88 13.01 -13.34 -16.40
N VAL C 89 12.79 -12.15 -15.87
CA VAL C 89 13.33 -11.80 -14.57
C VAL C 89 12.19 -11.95 -13.56
N TYR C 90 12.43 -12.71 -12.50
CA TYR C 90 11.41 -12.96 -11.48
C TYR C 90 11.69 -12.18 -10.18
N PHE C 91 10.65 -11.59 -9.59
CA PHE C 91 10.76 -10.89 -8.31
C PHE C 91 9.81 -11.44 -7.25
N CYS C 92 10.35 -11.62 -6.04
CA CYS C 92 9.52 -11.87 -4.89
C CYS C 92 9.29 -10.52 -4.20
N ALA C 93 8.25 -10.45 -3.38
CA ALA C 93 7.98 -9.23 -2.63
C ALA C 93 7.22 -9.57 -1.35
N ALA C 94 7.07 -8.58 -0.46
CA ALA C 94 6.42 -8.80 0.82
C ALA C 94 5.73 -7.51 1.29
N SER C 95 4.61 -7.66 2.01
CA SER C 95 3.98 -6.53 2.68
C SER C 95 3.29 -7.02 3.95
N SER C 96 2.67 -6.10 4.68
CA SER C 96 2.09 -6.45 5.97
C SER C 96 0.67 -5.89 6.09
N PHE C 97 -0.03 -6.26 7.15
CA PHE C 97 -1.42 -5.85 7.32
C PHE C 97 -1.53 -4.33 7.30
N GLY C 98 -0.67 -3.67 8.07
CA GLY C 98 -0.72 -2.22 8.22
C GLY C 98 -0.04 -1.46 7.11
N ASN C 99 0.95 -2.08 6.47
CA ASN C 99 1.69 -1.43 5.40
C ASN C 99 1.58 -2.21 4.09
N GLU C 100 0.70 -1.74 3.20
CA GLU C 100 0.36 -2.49 1.99
C GLU C 100 1.35 -2.27 0.84
N LYS C 101 2.32 -1.38 1.04
CA LYS C 101 3.34 -1.17 0.02
C LYS C 101 4.18 -2.45 -0.12
N LEU C 102 4.58 -2.78 -1.33
CA LEU C 102 5.42 -3.96 -1.52
C LEU C 102 6.89 -3.59 -1.42
N THR C 103 7.66 -4.45 -0.76
CA THR C 103 9.10 -4.32 -0.92
C THR C 103 9.64 -5.57 -1.65
N PHE C 104 10.37 -5.31 -2.73
CA PHE C 104 10.80 -6.36 -3.65
C PHE C 104 12.21 -6.90 -3.40
N GLY C 105 12.44 -8.13 -3.82
CA GLY C 105 13.80 -8.66 -3.88
C GLY C 105 14.54 -8.05 -5.07
N THR C 106 15.80 -8.40 -5.22
CA THR C 106 16.65 -7.81 -6.26
C THR C 106 16.51 -8.51 -7.63
N GLY C 107 15.85 -9.66 -7.66
CA GLY C 107 15.42 -10.25 -8.93
C GLY C 107 16.24 -11.46 -9.33
N THR C 108 15.66 -12.31 -10.16
CA THR C 108 16.39 -13.47 -10.67
C THR C 108 16.16 -13.57 -12.17
N ARG C 109 17.23 -13.41 -12.94
CA ARG C 109 17.13 -13.51 -14.39
C ARG C 109 17.17 -15.00 -14.72
N LEU C 110 16.03 -15.52 -15.16
CA LEU C 110 15.93 -16.94 -15.44
C LEU C 110 16.05 -17.17 -16.94
N THR C 111 16.99 -18.02 -17.33
CA THR C 111 17.14 -18.41 -18.74
C THR C 111 16.86 -19.90 -18.89
N ILE C 112 15.86 -20.22 -19.70
CA ILE C 112 15.58 -21.61 -20.02
C ILE C 112 16.32 -21.95 -21.33
N ILE C 113 17.23 -22.92 -21.25
CA ILE C 113 18.02 -23.32 -22.43
C ILE C 113 17.19 -24.27 -23.28
N PRO C 114 16.88 -23.85 -24.51
CA PRO C 114 15.94 -24.63 -25.33
C PRO C 114 16.52 -25.98 -25.77
N ASN C 115 15.68 -26.99 -25.83
CA ASN C 115 16.13 -28.30 -26.27
C ASN C 115 15.89 -28.50 -27.77
N ILE C 116 16.96 -28.41 -28.55
CA ILE C 116 16.84 -28.57 -30.00
C ILE C 116 16.86 -30.04 -30.40
N GLN C 117 15.75 -30.50 -30.98
CA GLN C 117 15.58 -31.92 -31.27
C GLN C 117 16.47 -32.50 -32.39
N ASN C 118 16.53 -31.85 -33.54
CA ASN C 118 17.40 -32.33 -34.64
C ASN C 118 18.30 -31.23 -35.19
N PRO C 119 19.39 -30.94 -34.47
CA PRO C 119 20.27 -29.83 -34.85
C PRO C 119 20.86 -30.07 -36.23
N ASP C 120 21.03 -29.00 -36.99
CA ASP C 120 21.65 -29.11 -38.31
C ASP C 120 22.38 -27.80 -38.57
N PRO C 121 23.47 -27.56 -37.81
CA PRO C 121 24.16 -26.27 -37.85
C PRO C 121 24.71 -25.93 -39.22
N ALA C 122 24.42 -24.72 -39.66
CA ALA C 122 24.80 -24.30 -40.99
C ALA C 122 24.89 -22.79 -41.03
N VAL C 123 25.80 -22.29 -41.86
CA VAL C 123 25.94 -20.87 -42.07
C VAL C 123 25.51 -20.49 -43.50
N TYR C 124 24.59 -19.54 -43.60
CA TYR C 124 24.06 -19.07 -44.89
C TYR C 124 24.36 -17.61 -45.08
N GLN C 125 24.35 -17.16 -46.32
CA GLN C 125 24.53 -15.74 -46.58
C GLN C 125 23.27 -15.18 -47.21
N LEU C 126 22.84 -14.03 -46.70
CA LEU C 126 21.57 -13.47 -47.10
C LEU C 126 21.73 -12.43 -48.20
N ARG C 127 20.64 -12.19 -48.92
CA ARG C 127 20.69 -11.31 -50.07
C ARG C 127 20.89 -9.87 -49.60
N ASP C 128 21.88 -9.22 -50.18
CA ASP C 128 22.17 -7.82 -49.90
C ASP C 128 20.93 -6.94 -50.00
N SER C 129 20.87 -5.90 -49.17
CA SER C 129 19.84 -4.88 -49.33
C SER C 129 20.36 -3.76 -50.23
N LYS C 130 19.51 -3.28 -51.12
CA LYS C 130 19.90 -2.22 -52.04
C LYS C 130 20.14 -0.92 -51.28
N SER C 131 19.67 -0.85 -50.03
CA SER C 131 19.77 0.35 -49.20
C SER C 131 20.93 0.33 -48.19
N SER C 132 21.76 -0.69 -48.22
CA SER C 132 22.88 -0.73 -47.29
C SER C 132 24.13 -1.41 -47.88
N ASP C 133 25.30 -1.00 -47.38
CA ASP C 133 26.56 -1.54 -47.86
C ASP C 133 26.94 -2.85 -47.17
N LYS C 134 26.08 -3.31 -46.27
CA LYS C 134 26.40 -4.47 -45.45
C LYS C 134 26.17 -5.81 -46.16
N SER C 135 26.97 -6.80 -45.80
CA SER C 135 26.67 -8.19 -46.12
C SER C 135 26.34 -8.91 -44.80
N VAL C 136 25.35 -9.79 -44.84
CA VAL C 136 24.84 -10.46 -43.63
C VAL C 136 24.94 -11.99 -43.69
N CYS C 137 25.54 -12.57 -42.66
CA CYS C 137 25.64 -14.04 -42.51
C CYS C 137 24.72 -14.53 -41.38
N LEU C 138 24.11 -15.69 -41.60
CA LEU C 138 23.19 -16.27 -40.64
C LEU C 138 23.68 -17.65 -40.25
N PHE C 139 24.00 -17.83 -38.98
CA PHE C 139 24.36 -19.13 -38.42
C PHE C 139 23.07 -19.62 -37.81
N THR C 140 22.60 -20.80 -38.20
CA THR C 140 21.30 -21.21 -37.75
C THR C 140 21.21 -22.73 -37.52
N ASP C 141 20.23 -23.14 -36.72
CA ASP C 141 19.85 -24.54 -36.56
C ASP C 141 20.85 -25.33 -35.71
N PHE C 142 21.64 -24.61 -34.91
CA PHE C 142 22.62 -25.25 -34.05
C PHE C 142 22.07 -25.61 -32.68
N ASP C 143 22.77 -26.52 -32.03
CA ASP C 143 22.43 -26.98 -30.70
C ASP C 143 22.63 -25.83 -29.72
N SER C 144 21.85 -25.80 -28.64
CA SER C 144 21.94 -24.70 -27.67
C SER C 144 23.30 -24.59 -26.96
N GLN C 145 24.04 -25.70 -26.88
CA GLN C 145 25.35 -25.68 -26.25
C GLN C 145 26.44 -25.06 -27.16
N THR C 146 26.11 -24.85 -28.44
CA THR C 146 27.09 -24.26 -29.36
C THR C 146 27.51 -22.88 -28.90
N ASN C 147 28.82 -22.64 -28.87
CA ASN C 147 29.31 -21.29 -28.59
C ASN C 147 29.18 -20.33 -29.78
N VAL C 148 28.67 -19.13 -29.51
CA VAL C 148 28.76 -18.04 -30.47
C VAL C 148 29.50 -16.90 -29.79
N SER C 149 30.76 -16.68 -30.16
CA SER C 149 31.50 -15.63 -29.49
C SER C 149 31.33 -14.28 -30.19
N GLN C 150 31.46 -13.21 -29.42
CA GLN C 150 31.28 -11.87 -29.96
C GLN C 150 32.45 -11.50 -30.87
N SER C 151 32.27 -10.44 -31.66
CA SER C 151 33.25 -10.06 -32.65
C SER C 151 34.63 -9.70 -32.06
N LYS C 152 35.68 -10.15 -32.75
CA LYS C 152 37.03 -9.75 -32.43
C LYS C 152 37.61 -8.89 -33.57
N ASP C 153 36.77 -8.02 -34.12
CA ASP C 153 37.15 -7.16 -35.25
C ASP C 153 36.18 -6.00 -35.24
N SER C 154 36.70 -4.78 -35.10
CA SER C 154 35.85 -3.61 -34.86
C SER C 154 34.86 -3.31 -36.00
N ASP C 155 35.12 -3.89 -37.16
CA ASP C 155 34.24 -3.65 -38.30
C ASP C 155 33.31 -4.82 -38.61
N VAL C 156 33.29 -5.85 -37.76
CA VAL C 156 32.27 -6.88 -37.90
C VAL C 156 31.41 -7.05 -36.65
N TYR C 157 30.13 -7.25 -36.85
CA TYR C 157 29.20 -7.27 -35.75
C TYR C 157 28.54 -8.62 -35.67
N ILE C 158 28.60 -9.22 -34.49
CA ILE C 158 28.00 -10.53 -34.27
C ILE C 158 27.04 -10.44 -33.10
N THR C 159 25.83 -10.98 -33.29
CA THR C 159 24.81 -10.95 -32.24
C THR C 159 24.89 -12.21 -31.39
N ASP C 160 24.21 -12.18 -30.26
CA ASP C 160 24.07 -13.38 -29.44
C ASP C 160 23.01 -14.30 -30.08
N LYS C 161 22.87 -15.51 -29.57
CA LYS C 161 21.89 -16.43 -30.09
C LYS C 161 20.49 -16.09 -29.59
N CYS C 162 19.48 -16.45 -30.38
CA CYS C 162 18.09 -16.18 -30.07
C CYS C 162 17.35 -17.39 -30.63
N VAL C 163 16.32 -17.87 -29.93
CA VAL C 163 15.54 -19.01 -30.43
C VAL C 163 14.20 -18.53 -30.97
N LEU C 164 13.80 -19.04 -32.13
CA LEU C 164 12.47 -18.75 -32.66
C LEU C 164 11.60 -19.99 -32.70
N ASP C 165 10.29 -19.79 -32.73
CA ASP C 165 9.36 -20.89 -32.64
C ASP C 165 8.34 -20.79 -33.78
N MET C 166 8.28 -21.82 -34.60
CA MET C 166 7.32 -21.80 -35.70
C MET C 166 6.06 -22.61 -35.34
N ARG C 167 5.04 -21.91 -34.88
CA ARG C 167 3.80 -22.55 -34.45
C ARG C 167 3.15 -23.37 -35.57
N SER C 168 2.50 -24.45 -35.18
CA SER C 168 1.90 -25.44 -36.08
C SER C 168 2.91 -26.39 -36.74
N MET C 169 4.19 -26.02 -36.74
CA MET C 169 5.22 -26.91 -37.27
C MET C 169 5.94 -27.72 -36.21
N ASP C 170 5.69 -27.42 -34.94
CA ASP C 170 6.40 -28.06 -33.82
C ASP C 170 7.91 -28.02 -34.10
N PHE C 171 8.43 -26.81 -34.24
CA PHE C 171 9.79 -26.59 -34.70
C PHE C 171 10.33 -25.32 -34.05
N LYS C 172 11.57 -25.43 -33.58
CA LYS C 172 12.26 -24.33 -32.92
C LYS C 172 13.70 -24.31 -33.47
N SER C 173 14.28 -23.13 -33.58
CA SER C 173 15.64 -23.05 -34.07
C SER C 173 16.33 -21.85 -33.47
N ASN C 174 17.60 -22.07 -33.12
CA ASN C 174 18.51 -21.01 -32.75
C ASN C 174 19.12 -20.35 -33.99
N SER C 175 19.53 -19.09 -33.83
CA SER C 175 20.33 -18.42 -34.85
C SER C 175 21.12 -17.29 -34.23
N ALA C 176 22.24 -16.95 -34.88
CA ALA C 176 23.01 -15.75 -34.59
C ALA C 176 23.32 -15.07 -35.91
N VAL C 177 23.53 -13.76 -35.89
CA VAL C 177 23.74 -13.01 -37.12
C VAL C 177 25.09 -12.32 -37.09
N ALA C 178 25.76 -12.30 -38.23
CA ALA C 178 27.02 -11.57 -38.36
C ALA C 178 26.95 -10.66 -39.58
N TRP C 179 27.50 -9.46 -39.47
CA TRP C 179 27.52 -8.57 -40.61
C TRP C 179 28.70 -7.59 -40.58
N SER C 180 28.97 -7.02 -41.74
CA SER C 180 30.08 -6.10 -41.92
C SER C 180 29.94 -5.45 -43.29
N ASN C 181 30.58 -4.30 -43.47
CA ASN C 181 30.67 -3.68 -44.79
C ASN C 181 32.06 -3.80 -45.37
N LYS C 182 32.98 -4.39 -44.60
CA LYS C 182 34.33 -4.66 -45.08
C LYS C 182 34.32 -5.43 -46.39
N SER C 183 35.27 -5.11 -47.26
CA SER C 183 35.38 -5.72 -48.57
C SER C 183 35.82 -7.19 -48.49
N ASP C 184 36.57 -7.53 -47.45
CA ASP C 184 37.10 -8.88 -47.30
C ASP C 184 36.33 -9.71 -46.28
N PHE C 185 35.03 -9.46 -46.14
CA PHE C 185 34.23 -10.20 -45.18
C PHE C 185 33.69 -11.49 -45.80
N ALA C 186 33.93 -12.61 -45.13
CA ALA C 186 33.46 -13.90 -45.62
C ALA C 186 32.59 -14.61 -44.59
N CYS C 187 31.42 -15.07 -45.03
CA CYS C 187 30.51 -15.82 -44.16
C CYS C 187 31.05 -17.18 -43.71
N ALA C 188 31.85 -17.85 -44.53
CA ALA C 188 32.33 -19.17 -44.12
C ALA C 188 33.42 -19.01 -43.08
N ASN C 189 33.14 -19.57 -41.91
CA ASN C 189 33.84 -19.30 -40.66
C ASN C 189 33.89 -17.83 -40.28
N ALA C 190 32.72 -17.20 -40.24
CA ALA C 190 32.60 -15.91 -39.56
C ALA C 190 32.33 -16.12 -38.06
N PHE C 191 32.03 -17.38 -37.68
CA PHE C 191 31.69 -17.83 -36.30
C PHE C 191 32.64 -18.90 -35.67
N ASN C 192 32.08 -19.94 -34.98
CA ASN C 192 32.74 -21.05 -34.17
C ASN C 192 31.57 -21.98 -33.70
N ASN C 193 31.66 -23.33 -33.45
CA ASN C 193 32.74 -24.37 -33.56
C ASN C 193 32.36 -25.87 -33.16
N SER C 194 32.57 -26.83 -34.06
CA SER C 194 32.12 -28.26 -33.95
C SER C 194 30.64 -28.55 -33.99
N GLN D 4 1.27 -10.53 16.66
CA GLN D 4 1.58 -9.71 17.82
C GLN D 4 1.40 -8.22 17.51
N LEU D 5 0.91 -7.92 16.32
CA LEU D 5 0.46 -6.58 16.02
C LEU D 5 -1.06 -6.61 15.99
N VAL D 6 -1.72 -5.62 16.60
CA VAL D 6 -3.16 -5.55 16.52
C VAL D 6 -3.54 -5.15 15.10
N HIS D 7 -4.70 -5.60 14.66
CA HIS D 7 -5.21 -5.24 13.35
C HIS D 7 -6.25 -4.14 13.51
N PHE D 8 -6.84 -3.72 12.41
CA PHE D 8 -7.81 -2.63 12.42
C PHE D 8 -8.70 -2.76 11.21
N VAL D 9 -9.86 -2.13 11.27
CA VAL D 9 -10.77 -2.15 10.14
C VAL D 9 -10.29 -1.16 9.10
N ARG D 10 -10.11 -1.60 7.86
CA ARG D 10 -9.70 -0.70 6.78
C ARG D 10 -10.91 0.01 6.18
N ASP D 11 -10.76 1.31 5.95
CA ASP D 11 -11.76 2.11 5.26
C ASP D 11 -11.60 1.90 3.75
N PHE D 12 -12.69 2.01 3.00
CA PHE D 12 -12.63 1.84 1.55
C PHE D 12 -12.91 3.18 0.88
N ALA D 13 -12.16 3.51 -0.16
CA ALA D 13 -12.40 4.74 -0.93
C ALA D 13 -13.66 4.60 -1.79
N GLN D 14 -14.60 5.52 -1.61
CA GLN D 14 -15.87 5.51 -2.34
C GLN D 14 -15.72 6.02 -3.77
N LEU D 15 -16.68 5.69 -4.62
CA LEU D 15 -16.80 6.27 -5.95
C LEU D 15 -17.38 7.68 -5.88
N GLY D 23 -10.89 4.30 -16.16
CA GLY D 23 -9.84 3.34 -16.45
C GLY D 23 -10.27 2.24 -17.41
N GLY D 24 -9.43 1.22 -17.53
CA GLY D 24 -9.73 0.09 -18.39
C GLY D 24 -9.65 -1.25 -17.66
N ALA D 25 -9.37 -2.31 -18.41
CA ALA D 25 -9.26 -3.65 -17.82
C ALA D 25 -7.82 -3.95 -17.37
N GLY D 26 -6.86 -3.25 -17.97
CA GLY D 26 -5.47 -3.35 -17.57
C GLY D 26 -4.94 -1.99 -17.21
N VAL D 27 -3.77 -1.93 -16.58
CA VAL D 27 -3.16 -0.68 -16.21
C VAL D 27 -2.40 -0.15 -17.42
N SER D 28 -2.65 1.08 -17.82
CA SER D 28 -1.96 1.61 -19.00
C SER D 28 -1.00 2.70 -18.60
N GLN D 29 0.12 2.74 -19.30
CA GLN D 29 1.08 3.83 -19.20
C GLN D 29 1.60 4.05 -20.60
N THR D 30 1.42 5.27 -21.09
CA THR D 30 2.02 5.66 -22.35
C THR D 30 2.70 7.02 -22.09
N PRO D 31 3.79 7.32 -22.83
CA PRO D 31 4.41 6.39 -23.79
C PRO D 31 5.33 5.39 -23.07
N SER D 32 5.76 4.37 -23.80
CA SER D 32 6.69 3.36 -23.29
C SER D 32 8.03 3.96 -22.90
N ASN D 33 8.43 5.01 -23.61
CA ASN D 33 9.74 5.63 -23.43
C ASN D 33 9.62 7.14 -23.53
N LYS D 34 10.43 7.84 -22.74
CA LYS D 34 10.53 9.29 -22.86
C LYS D 34 12.00 9.69 -22.78
N VAL D 35 12.51 10.32 -23.84
CA VAL D 35 13.86 10.87 -23.74
C VAL D 35 13.84 12.39 -23.65
N THR D 36 14.68 12.92 -22.76
CA THR D 36 14.70 14.34 -22.45
C THR D 36 16.12 14.69 -22.01
N GLU D 37 16.40 15.97 -21.83
CA GLU D 37 17.70 16.39 -21.33
C GLU D 37 17.59 16.95 -19.93
N LYS D 38 18.74 17.15 -19.30
CA LYS D 38 18.84 17.78 -17.98
C LYS D 38 18.03 19.07 -17.90
N GLY D 39 17.41 19.29 -16.75
CA GLY D 39 16.78 20.57 -16.44
C GLY D 39 15.39 20.76 -16.98
N LYS D 40 14.91 19.82 -17.78
CA LYS D 40 13.56 19.94 -18.32
C LYS D 40 12.56 19.39 -17.33
N TYR D 41 11.30 19.64 -17.59
CA TYR D 41 10.19 19.14 -16.79
C TYR D 41 9.59 17.90 -17.47
N VAL D 42 9.22 16.90 -16.67
CA VAL D 42 8.64 15.68 -17.21
C VAL D 42 7.37 15.26 -16.45
N GLU D 43 6.34 14.85 -17.19
CA GLU D 43 5.13 14.26 -16.63
C GLU D 43 4.92 12.82 -17.11
N LEU D 44 4.70 11.91 -16.16
CA LEU D 44 4.41 10.51 -16.45
C LEU D 44 3.00 10.20 -16.01
N ARG D 45 2.26 9.53 -16.90
CA ARG D 45 0.83 9.36 -16.73
C ARG D 45 0.48 7.89 -16.52
N CYS D 46 -0.46 7.64 -15.61
CA CYS D 46 -0.93 6.28 -15.39
C CYS D 46 -2.46 6.18 -15.42
N ASP D 47 -2.97 5.20 -16.17
CA ASP D 47 -4.40 4.98 -16.23
C ASP D 47 -4.75 3.63 -15.59
N PRO D 48 -5.50 3.66 -14.48
CA PRO D 48 -5.69 2.50 -13.61
C PRO D 48 -6.71 1.49 -14.14
N ILE D 49 -6.75 0.32 -13.50
CA ILE D 49 -7.82 -0.63 -13.77
C ILE D 49 -9.09 -0.02 -13.18
N SER D 50 -10.20 -0.14 -13.90
CA SER D 50 -11.44 0.50 -13.50
C SER D 50 -11.88 0.14 -12.09
N GLY D 51 -12.14 1.14 -11.28
CA GLY D 51 -12.62 0.91 -9.93
C GLY D 51 -11.56 0.64 -8.89
N HIS D 52 -10.29 0.59 -9.28
CA HIS D 52 -9.24 0.31 -8.31
C HIS D 52 -9.00 1.52 -7.42
N THR D 53 -9.08 1.33 -6.11
CA THR D 53 -9.03 2.46 -5.19
C THR D 53 -7.60 2.85 -4.88
N ALA D 54 -6.70 1.86 -4.96
CA ALA D 54 -5.31 2.07 -4.60
C ALA D 54 -4.43 2.21 -5.84
N LEU D 55 -3.59 3.24 -5.86
CA LEU D 55 -2.63 3.43 -6.95
C LEU D 55 -1.25 3.71 -6.39
N TYR D 56 -0.27 2.96 -6.88
CA TYR D 56 1.13 3.07 -6.47
C TYR D 56 2.05 3.46 -7.64
N TRP D 57 3.08 4.25 -7.36
CA TRP D 57 4.19 4.44 -8.28
C TRP D 57 5.42 3.75 -7.71
N TYR D 58 6.09 2.92 -8.52
CA TYR D 58 7.38 2.37 -8.15
C TYR D 58 8.42 2.77 -9.18
N ARG D 59 9.69 2.71 -8.80
CA ARG D 59 10.77 3.04 -9.71
C ARG D 59 11.71 1.85 -9.82
N GLN D 60 12.15 1.56 -11.04
CA GLN D 60 13.04 0.43 -11.27
C GLN D 60 14.29 0.83 -12.09
N SER D 61 15.44 0.70 -11.44
CA SER D 61 16.73 0.96 -12.06
C SER D 61 17.29 -0.32 -12.68
N LEU D 62 18.24 -0.15 -13.61
CA LEU D 62 18.80 -1.25 -14.38
C LEU D 62 19.22 -2.44 -13.52
N GLY D 63 18.75 -3.64 -13.89
CA GLY D 63 19.07 -4.84 -13.15
C GLY D 63 18.65 -4.84 -11.68
N GLN D 64 17.54 -4.18 -11.37
CA GLN D 64 17.08 -4.14 -9.99
C GLN D 64 15.56 -4.35 -9.88
N GLY D 65 15.09 -4.47 -8.64
CA GLY D 65 13.68 -4.57 -8.35
C GLY D 65 12.99 -3.22 -8.23
N PRO D 66 11.67 -3.20 -8.39
CA PRO D 66 10.89 -1.97 -8.20
C PRO D 66 11.08 -1.43 -6.77
N GLU D 67 11.15 -0.12 -6.65
CA GLU D 67 11.27 0.57 -5.36
C GLU D 67 10.10 1.53 -5.21
N PHE D 68 9.49 1.50 -4.04
CA PHE D 68 8.28 2.29 -3.79
C PHE D 68 8.51 3.82 -3.80
N LEU D 69 7.59 4.54 -4.44
CA LEU D 69 7.63 6.01 -4.45
C LEU D 69 6.45 6.60 -3.68
N ILE D 70 5.23 6.29 -4.11
CA ILE D 70 4.05 6.90 -3.52
C ILE D 70 2.79 6.04 -3.70
N TYR D 71 1.88 6.15 -2.75
CA TYR D 71 0.68 5.32 -2.67
C TYR D 71 -0.54 6.24 -2.44
N PHE D 72 -1.51 6.17 -3.34
CA PHE D 72 -2.76 6.92 -3.22
C PHE D 72 -3.89 5.98 -2.81
N GLN D 73 -4.69 6.39 -1.83
CA GLN D 73 -6.02 5.77 -1.64
C GLN D 73 -7.06 6.78 -2.14
N GLY D 74 -7.81 6.43 -3.19
CA GLY D 74 -8.67 7.43 -3.83
C GLY D 74 -7.82 8.62 -4.23
N THR D 75 -8.31 9.85 -3.99
CA THR D 75 -7.55 11.06 -4.34
C THR D 75 -6.44 11.34 -3.34
N GLY D 76 -6.46 10.66 -2.21
CA GLY D 76 -5.56 10.97 -1.12
C GLY D 76 -4.27 10.17 -1.11
N ALA D 77 -3.18 10.83 -0.76
CA ALA D 77 -1.88 10.18 -0.57
C ALA D 77 -1.85 9.44 0.77
N ALA D 78 -1.77 8.12 0.70
CA ALA D 78 -1.64 7.29 1.88
C ALA D 78 -0.21 7.29 2.44
N ASP D 79 0.77 7.44 1.55
CA ASP D 79 2.18 7.26 1.90
C ASP D 79 3.03 7.81 0.76
N ASP D 80 3.80 8.86 1.04
CA ASP D 80 4.68 9.45 0.03
C ASP D 80 6.14 9.35 0.45
N SER D 81 6.41 8.42 1.37
CA SER D 81 7.75 8.31 1.97
C SER D 81 8.85 7.91 0.98
N GLY D 82 8.47 7.44 -0.21
CA GLY D 82 9.45 6.98 -1.17
C GLY D 82 9.92 8.03 -2.16
N LEU D 83 9.24 9.18 -2.21
CA LEU D 83 9.66 10.23 -3.14
C LEU D 83 11.09 10.65 -2.81
N PRO D 84 11.98 10.61 -3.82
CA PRO D 84 13.44 10.79 -3.68
C PRO D 84 13.85 12.16 -3.17
N ASN D 85 13.08 13.17 -3.55
CA ASN D 85 13.32 14.55 -3.14
C ASN D 85 12.12 15.37 -3.54
N ASP D 86 12.27 16.69 -3.50
CA ASP D 86 11.16 17.60 -3.68
C ASP D 86 10.93 18.02 -5.14
N ARG D 87 11.74 17.49 -6.05
CA ARG D 87 11.47 17.67 -7.48
C ARG D 87 10.40 16.68 -7.93
N PHE D 88 10.16 15.66 -7.12
CA PHE D 88 9.17 14.63 -7.42
C PHE D 88 7.84 14.92 -6.73
N PHE D 89 6.75 14.93 -7.49
CA PHE D 89 5.43 15.15 -6.94
C PHE D 89 4.39 14.46 -7.80
N ALA D 90 3.40 13.82 -7.18
CA ALA D 90 2.36 13.14 -7.93
C ALA D 90 0.97 13.57 -7.51
N VAL D 91 0.02 13.45 -8.44
CA VAL D 91 -1.36 13.78 -8.17
C VAL D 91 -2.27 12.69 -8.72
N ARG D 92 -3.48 12.63 -8.18
CA ARG D 92 -4.52 11.73 -8.64
C ARG D 92 -5.85 12.43 -8.39
N PRO D 93 -6.08 13.55 -9.09
CA PRO D 93 -7.13 14.53 -8.77
C PRO D 93 -8.54 13.96 -8.73
N GLU D 94 -8.77 12.80 -9.33
CA GLU D 94 -10.12 12.24 -9.38
C GLU D 94 -10.17 10.78 -8.95
N GLY D 95 -9.13 10.34 -8.24
CA GLY D 95 -9.10 8.98 -7.73
C GLY D 95 -9.07 7.94 -8.85
N SER D 96 -8.72 8.35 -10.06
CA SER D 96 -8.45 7.39 -11.13
C SER D 96 -7.05 7.62 -11.67
N VAL D 97 -6.97 8.34 -12.79
CA VAL D 97 -5.68 8.62 -13.43
C VAL D 97 -4.72 9.36 -12.51
N SER D 98 -3.47 8.92 -12.49
CA SER D 98 -2.45 9.63 -11.71
C SER D 98 -1.33 10.15 -12.62
N THR D 99 -0.75 11.28 -12.22
CA THR D 99 0.36 11.88 -12.96
C THR D 99 1.54 12.12 -12.03
N LEU D 100 2.69 11.56 -12.39
CA LEU D 100 3.92 11.81 -11.64
C LEU D 100 4.67 12.91 -12.37
N LYS D 101 5.03 13.96 -11.64
CA LYS D 101 5.68 15.13 -12.21
C LYS D 101 7.09 15.23 -11.64
N ILE D 102 8.06 15.41 -12.53
CA ILE D 102 9.44 15.58 -12.11
C ILE D 102 9.92 16.93 -12.64
N GLN D 103 10.41 17.77 -11.73
CA GLN D 103 10.93 19.07 -12.10
C GLN D 103 12.43 19.01 -12.30
N ARG D 104 12.92 19.81 -13.25
CA ARG D 104 14.36 20.01 -13.44
C ARG D 104 15.15 18.70 -13.40
N THR D 105 14.78 17.79 -14.30
CA THR D 105 15.32 16.44 -14.39
C THR D 105 16.85 16.36 -14.37
N GLU D 106 17.36 15.36 -13.66
CA GLU D 106 18.78 15.06 -13.63
C GLU D 106 19.00 13.65 -14.20
N ARG D 107 20.22 13.39 -14.64
CA ARG D 107 20.57 12.08 -15.22
C ARG D 107 20.26 10.92 -14.29
N GLY D 108 20.46 11.11 -12.99
CA GLY D 108 20.17 10.10 -11.99
C GLY D 108 18.70 9.73 -11.87
N ASP D 109 17.81 10.52 -12.46
CA ASP D 109 16.38 10.20 -12.45
C ASP D 109 16.01 9.12 -13.49
N SER D 110 16.95 8.80 -14.39
CA SER D 110 16.71 7.79 -15.42
C SER D 110 16.42 6.42 -14.81
N ALA D 111 15.28 5.85 -15.17
CA ALA D 111 14.82 4.58 -14.65
C ALA D 111 13.51 4.23 -15.32
N VAL D 112 12.98 3.05 -15.05
CA VAL D 112 11.64 2.73 -15.53
C VAL D 112 10.64 3.06 -14.41
N TYR D 113 9.65 3.90 -14.72
CA TYR D 113 8.63 4.24 -13.73
C TYR D 113 7.38 3.41 -13.92
N LEU D 114 7.08 2.61 -12.91
CA LEU D 114 5.99 1.64 -13.00
C LEU D 114 4.79 2.09 -12.19
N CYS D 115 3.63 1.99 -12.80
CA CYS D 115 2.38 2.22 -12.10
C CYS D 115 1.80 0.86 -11.74
N ALA D 116 1.26 0.75 -10.53
CA ALA D 116 0.50 -0.42 -10.13
C ALA D 116 -0.80 0.01 -9.44
N THR D 117 -1.90 -0.68 -9.71
CA THR D 117 -3.15 -0.41 -9.00
C THR D 117 -3.71 -1.66 -8.32
N SER D 118 -4.55 -1.44 -7.30
CA SER D 118 -5.08 -2.53 -6.50
C SER D 118 -6.55 -2.26 -6.17
N ALA D 119 -7.37 -3.31 -6.17
CA ALA D 119 -8.79 -3.13 -5.83
C ALA D 119 -8.94 -2.43 -4.47
N LEU D 120 -8.28 -2.95 -3.45
CA LEU D 120 -8.36 -2.37 -2.09
C LEU D 120 -7.01 -1.86 -1.54
N GLY D 121 -5.90 -2.34 -2.11
CA GLY D 121 -4.58 -1.93 -1.66
C GLY D 121 -3.50 -3.01 -1.66
N ASP D 122 -3.87 -4.24 -1.28
CA ASP D 122 -2.87 -5.28 -1.08
C ASP D 122 -2.38 -5.95 -2.37
N THR D 123 -3.31 -6.38 -3.21
CA THR D 123 -2.96 -7.16 -4.39
C THR D 123 -2.76 -6.23 -5.57
N GLN D 124 -1.52 -6.12 -6.02
CA GLN D 124 -1.12 -5.07 -6.96
C GLN D 124 -0.78 -5.54 -8.38
N TYR D 125 -1.45 -4.92 -9.36
CA TYR D 125 -1.22 -5.18 -10.78
C TYR D 125 -0.47 -4.04 -11.46
N PHE D 126 0.66 -4.37 -12.09
CA PHE D 126 1.52 -3.35 -12.71
C PHE D 126 1.13 -2.98 -14.14
N GLY D 127 1.38 -1.72 -14.53
CA GLY D 127 1.31 -1.33 -15.93
C GLY D 127 2.62 -1.63 -16.65
N PRO D 128 2.70 -1.33 -17.95
CA PRO D 128 3.91 -1.77 -18.67
C PRO D 128 5.14 -0.88 -18.41
N GLY D 129 4.97 0.17 -17.61
CA GLY D 129 6.07 1.07 -17.29
C GLY D 129 6.35 2.13 -18.33
N THR D 130 6.99 3.23 -17.93
CA THR D 130 7.49 4.23 -18.88
C THR D 130 8.94 4.42 -18.59
N ARG D 131 9.81 4.14 -19.56
CA ARG D 131 11.22 4.37 -19.34
C ARG D 131 11.58 5.83 -19.53
N LEU D 132 12.17 6.42 -18.50
CA LEU D 132 12.65 7.79 -18.63
C LEU D 132 14.16 7.76 -18.84
N THR D 133 14.62 8.38 -19.91
CA THR D 133 16.05 8.52 -20.17
C THR D 133 16.39 10.03 -20.17
N VAL D 134 17.12 10.48 -19.15
CA VAL D 134 17.54 11.87 -19.07
C VAL D 134 19.00 12.00 -19.52
N LEU D 135 19.22 12.67 -20.64
CA LEU D 135 20.55 12.80 -21.21
C LEU D 135 21.22 14.12 -20.83
N GLU D 136 22.55 14.16 -20.96
CA GLU D 136 23.32 15.38 -20.82
C GLU D 136 22.79 16.49 -21.74
N ASP D 137 22.62 16.12 -23.01
CA ASP D 137 22.04 16.98 -24.02
C ASP D 137 21.46 16.06 -25.10
N LEU D 138 20.88 16.64 -26.14
CA LEU D 138 20.22 15.84 -27.16
C LEU D 138 21.04 15.72 -28.44
N LYS D 139 22.32 16.05 -28.34
CA LYS D 139 23.17 16.14 -29.53
C LYS D 139 23.51 14.81 -30.15
N ASN D 140 23.49 13.74 -29.35
CA ASN D 140 23.87 12.42 -29.85
C ASN D 140 22.65 11.54 -30.12
N VAL D 141 21.46 12.16 -30.13
CA VAL D 141 20.23 11.43 -30.42
C VAL D 141 20.11 11.14 -31.94
N PHE D 142 20.07 9.86 -32.31
CA PHE D 142 19.92 9.47 -33.72
C PHE D 142 18.85 8.39 -33.85
N PRO D 143 18.00 8.50 -34.88
CA PRO D 143 17.04 7.44 -35.22
C PRO D 143 17.77 6.31 -35.93
N PRO D 144 17.22 5.09 -35.93
CA PRO D 144 17.87 3.98 -36.63
C PRO D 144 17.75 4.08 -38.14
N GLU D 145 18.68 3.46 -38.83
CA GLU D 145 18.47 3.11 -40.22
C GLU D 145 18.03 1.66 -40.22
N VAL D 146 17.14 1.27 -41.13
CA VAL D 146 16.63 -0.09 -41.14
C VAL D 146 16.74 -0.71 -42.52
N ALA D 147 17.21 -1.95 -42.57
CA ALA D 147 17.31 -2.68 -43.81
C ALA D 147 16.86 -4.12 -43.59
N VAL D 148 16.24 -4.70 -44.62
CA VAL D 148 15.82 -6.10 -44.58
C VAL D 148 16.66 -6.88 -45.58
N PHE D 149 17.06 -8.09 -45.18
CA PHE D 149 17.87 -8.94 -46.04
C PHE D 149 17.11 -10.23 -46.34
N GLU D 150 17.00 -10.54 -47.63
CA GLU D 150 16.13 -11.60 -48.08
C GLU D 150 16.79 -12.96 -47.87
N PRO D 151 15.98 -14.02 -47.84
CA PRO D 151 16.50 -15.35 -47.50
C PRO D 151 17.54 -15.92 -48.47
N SER D 152 18.46 -16.69 -47.88
CA SER D 152 19.42 -17.49 -48.63
C SER D 152 18.71 -18.57 -49.44
N GLU D 153 19.04 -18.67 -50.73
CA GLU D 153 18.53 -19.75 -51.57
C GLU D 153 18.98 -21.12 -51.06
N ALA D 154 20.22 -21.20 -50.59
CA ALA D 154 20.76 -22.42 -49.97
C ALA D 154 19.93 -22.92 -48.77
N GLU D 155 19.47 -22.00 -47.92
CA GLU D 155 18.63 -22.36 -46.76
C GLU D 155 17.29 -22.94 -47.23
N ILE D 156 16.66 -22.25 -48.17
CA ILE D 156 15.37 -22.70 -48.74
C ILE D 156 15.50 -24.12 -49.25
N SER D 157 16.52 -24.34 -50.07
CA SER D 157 16.74 -25.63 -50.66
C SER D 157 17.12 -26.69 -49.60
N HIS D 158 17.88 -26.30 -48.58
CA HIS D 158 18.29 -27.28 -47.56
C HIS D 158 17.23 -27.60 -46.51
N THR D 159 16.40 -26.61 -46.15
CA THR D 159 15.52 -26.76 -44.99
C THR D 159 14.05 -26.61 -45.34
N GLN D 160 13.78 -26.13 -46.55
CA GLN D 160 12.42 -25.75 -46.94
C GLN D 160 11.87 -24.68 -46.00
N LYS D 161 12.78 -23.87 -45.45
CA LYS D 161 12.41 -22.69 -44.69
C LYS D 161 13.19 -21.48 -45.18
N ALA D 162 12.78 -20.29 -44.77
CA ALA D 162 13.35 -19.06 -45.30
C ALA D 162 13.41 -18.03 -44.20
N THR D 163 14.61 -17.61 -43.85
CA THR D 163 14.80 -16.64 -42.77
C THR D 163 15.14 -15.28 -43.33
N LEU D 164 14.29 -14.30 -43.05
CA LEU D 164 14.57 -12.91 -43.35
C LEU D 164 15.29 -12.31 -42.15
N VAL D 165 16.25 -11.43 -42.40
CA VAL D 165 16.88 -10.69 -41.31
C VAL D 165 16.62 -9.20 -41.45
N CYS D 166 16.25 -8.57 -40.35
CA CYS D 166 16.13 -7.13 -40.27
C CYS D 166 17.29 -6.58 -39.44
N LEU D 167 17.92 -5.51 -39.92
CA LEU D 167 19.00 -4.86 -39.15
C LEU D 167 18.61 -3.41 -38.87
N ALA D 168 18.61 -3.02 -37.60
CA ALA D 168 18.42 -1.63 -37.24
C ALA D 168 19.73 -1.10 -36.66
N THR D 169 20.29 -0.06 -37.27
CA THR D 169 21.64 0.40 -36.94
C THR D 169 21.70 1.89 -36.67
N GLY D 170 22.73 2.32 -35.93
CA GLY D 170 23.05 3.72 -35.77
C GLY D 170 22.15 4.52 -34.83
N PHE D 171 21.30 3.86 -34.04
CA PHE D 171 20.42 4.62 -33.15
C PHE D 171 20.99 4.93 -31.75
N TYR D 172 20.51 6.03 -31.17
CA TYR D 172 20.82 6.42 -29.77
C TYR D 172 19.71 7.34 -29.29
N PRO D 173 19.24 7.16 -28.05
CA PRO D 173 19.66 6.11 -27.11
C PRO D 173 19.12 4.72 -27.45
N ASP D 174 19.40 3.76 -26.59
CA ASP D 174 19.36 2.33 -26.95
C ASP D 174 18.00 1.65 -26.89
N HIS D 175 16.92 2.43 -26.90
CA HIS D 175 15.61 1.82 -26.77
C HIS D 175 14.67 2.06 -27.96
N VAL D 176 14.42 0.98 -28.69
CA VAL D 176 13.53 0.97 -29.85
C VAL D 176 12.61 -0.23 -29.71
N GLU D 177 11.51 -0.23 -30.45
CA GLU D 177 10.66 -1.42 -30.49
C GLU D 177 10.55 -1.92 -31.93
N LEU D 178 11.10 -3.11 -32.17
CA LEU D 178 11.09 -3.71 -33.51
C LEU D 178 9.93 -4.70 -33.65
N SER D 179 9.23 -4.61 -34.77
CA SER D 179 8.15 -5.56 -35.06
C SER D 179 8.15 -5.98 -36.52
N TRP D 180 7.63 -7.17 -36.79
CA TRP D 180 7.49 -7.67 -38.15
C TRP D 180 6.03 -7.66 -38.56
N TRP D 181 5.75 -7.32 -39.82
CA TRP D 181 4.39 -7.24 -40.33
C TRP D 181 4.29 -8.00 -41.64
N VAL D 182 3.23 -8.79 -41.79
CA VAL D 182 3.03 -9.56 -42.99
C VAL D 182 1.61 -9.32 -43.47
N ASN D 183 1.49 -8.82 -44.70
CA ASN D 183 0.19 -8.53 -45.30
C ASN D 183 -0.74 -7.77 -44.37
N GLY D 184 -0.22 -6.73 -43.76
CA GLY D 184 -1.05 -5.85 -42.95
C GLY D 184 -1.21 -6.25 -41.50
N LYS D 185 -0.74 -7.44 -41.13
CA LYS D 185 -0.87 -7.88 -39.72
C LYS D 185 0.47 -8.14 -39.03
N GLU D 186 0.57 -7.78 -37.75
CA GLU D 186 1.77 -8.06 -36.99
C GLU D 186 1.91 -9.55 -36.73
N VAL D 187 3.10 -10.10 -36.96
CA VAL D 187 3.35 -11.51 -36.70
C VAL D 187 4.26 -11.73 -35.48
N HIS D 188 4.08 -12.85 -34.80
CA HIS D 188 4.96 -13.20 -33.69
C HIS D 188 5.57 -14.58 -33.87
N SER D 189 4.82 -15.47 -34.51
CA SER D 189 5.30 -16.80 -34.82
C SER D 189 6.49 -16.73 -35.79
N GLY D 190 7.57 -17.46 -35.49
CA GLY D 190 8.71 -17.49 -36.39
C GLY D 190 9.68 -16.32 -36.23
N VAL D 191 9.43 -15.47 -35.23
CA VAL D 191 10.24 -14.27 -35.00
C VAL D 191 11.14 -14.40 -33.79
N CYS D 192 12.37 -13.92 -33.88
CA CYS D 192 13.08 -13.62 -32.65
C CYS D 192 14.00 -12.43 -32.84
N THR D 193 14.03 -11.59 -31.80
CA THR D 193 14.73 -10.31 -31.87
C THR D 193 15.75 -10.35 -30.74
N ASP D 194 16.97 -9.90 -31.02
CA ASP D 194 18.03 -9.85 -30.00
C ASP D 194 17.46 -9.27 -28.72
N PRO D 195 17.73 -9.93 -27.59
CA PRO D 195 17.25 -9.40 -26.30
C PRO D 195 17.91 -8.07 -25.98
N GLN D 196 19.17 -7.91 -26.37
CA GLN D 196 19.94 -6.70 -26.12
C GLN D 196 20.53 -6.15 -27.43
N PRO D 197 20.57 -4.81 -27.58
CA PRO D 197 21.28 -4.22 -28.72
C PRO D 197 22.80 -4.25 -28.51
N LEU D 198 23.58 -4.24 -29.57
CA LEU D 198 25.03 -4.17 -29.39
C LEU D 198 25.59 -2.80 -29.72
N LYS D 199 26.60 -2.39 -28.97
CA LYS D 199 27.26 -1.09 -29.20
C LYS D 199 28.11 -1.17 -30.44
N GLU D 200 27.92 -0.21 -31.35
CA GLU D 200 28.74 -0.16 -32.55
C GLU D 200 30.20 0.23 -32.25
N GLN D 201 30.42 0.85 -31.09
CA GLN D 201 31.75 1.23 -30.66
C GLN D 201 31.82 1.06 -29.15
N PRO D 202 32.11 -0.15 -28.68
CA PRO D 202 32.00 -0.54 -27.27
C PRO D 202 32.86 0.31 -26.33
N ALA D 203 33.93 0.90 -26.85
CA ALA D 203 34.82 1.73 -26.07
C ALA D 203 34.22 3.11 -25.76
N LEU D 204 33.18 3.50 -26.47
CA LEU D 204 32.60 4.82 -26.28
C LEU D 204 31.32 4.78 -25.45
N ASN D 205 31.12 5.81 -24.64
CA ASN D 205 29.87 5.96 -23.89
C ASN D 205 28.81 6.62 -24.74
N ASP D 206 29.27 7.22 -25.84
CA ASP D 206 28.40 7.88 -26.80
C ASP D 206 28.04 6.95 -27.95
N SER D 207 28.45 5.69 -27.85
CA SER D 207 28.24 4.72 -28.90
C SER D 207 26.78 4.62 -29.32
N ARG D 208 26.55 4.67 -30.62
CA ARG D 208 25.23 4.36 -31.15
C ARG D 208 25.04 2.83 -31.13
N TYR D 209 23.84 2.36 -31.48
CA TYR D 209 23.48 0.96 -31.25
C TYR D 209 22.93 0.26 -32.48
N SER D 210 23.17 -1.05 -32.57
CA SER D 210 22.50 -1.90 -33.55
C SER D 210 21.64 -2.99 -32.90
N LEU D 211 20.69 -3.48 -33.68
CA LEU D 211 19.76 -4.51 -33.25
C LEU D 211 19.42 -5.34 -34.48
N SER D 212 19.33 -6.66 -34.33
CA SER D 212 18.89 -7.50 -35.44
C SER D 212 17.69 -8.30 -35.01
N SER D 213 16.90 -8.74 -35.99
CA SER D 213 15.78 -9.64 -35.73
C SER D 213 15.63 -10.59 -36.93
N ARG D 214 15.14 -11.80 -36.69
CA ARG D 214 14.89 -12.75 -37.76
C ARG D 214 13.40 -13.09 -37.83
N LEU D 215 12.89 -13.22 -39.04
CA LEU D 215 11.56 -13.82 -39.24
C LEU D 215 11.74 -15.04 -40.14
N ARG D 216 11.38 -16.22 -39.64
CA ARG D 216 11.50 -17.44 -40.45
C ARG D 216 10.12 -17.93 -40.86
N VAL D 217 9.95 -18.18 -42.16
CA VAL D 217 8.70 -18.68 -42.68
C VAL D 217 8.98 -19.91 -43.56
N SER D 218 7.92 -20.61 -43.94
CA SER D 218 8.07 -21.78 -44.80
C SER D 218 8.49 -21.33 -46.20
N ALA D 219 9.24 -22.19 -46.90
CA ALA D 219 9.64 -21.85 -48.26
C ALA D 219 8.43 -21.49 -49.16
N THR D 220 7.31 -22.21 -49.03
CA THR D 220 6.16 -21.90 -49.88
C THR D 220 5.63 -20.51 -49.57
N PHE D 221 5.67 -20.13 -48.31
CA PHE D 221 5.21 -18.78 -47.94
C PHE D 221 6.12 -17.69 -48.54
N TRP D 222 7.43 -17.89 -48.42
CA TRP D 222 8.38 -16.96 -49.06
C TRP D 222 8.26 -16.94 -50.60
N GLN D 223 7.88 -18.07 -51.18
CA GLN D 223 7.87 -18.18 -52.62
C GLN D 223 6.62 -17.59 -53.29
N ASN D 224 5.66 -17.16 -52.49
CA ASN D 224 4.47 -16.52 -53.00
C ASN D 224 4.66 -15.02 -53.10
N PRO D 225 4.77 -14.50 -54.33
CA PRO D 225 5.09 -13.08 -54.55
C PRO D 225 3.94 -12.13 -54.18
N ARG D 226 2.84 -12.66 -53.67
CA ARG D 226 1.77 -11.84 -53.14
C ARG D 226 2.02 -11.51 -51.66
N ASN D 227 2.97 -12.21 -51.04
CA ASN D 227 3.24 -11.94 -49.62
C ASN D 227 4.16 -10.74 -49.43
N HIS D 228 3.71 -9.82 -48.59
CA HIS D 228 4.41 -8.57 -48.34
C HIS D 228 4.92 -8.54 -46.90
N PHE D 229 6.22 -8.37 -46.73
CA PHE D 229 6.86 -8.37 -45.39
C PHE D 229 7.39 -7.00 -45.08
N ARG D 230 7.26 -6.59 -43.82
CA ARG D 230 7.86 -5.34 -43.39
C ARG D 230 8.47 -5.42 -42.00
N CYS D 231 9.72 -4.98 -41.89
CA CYS D 231 10.35 -4.82 -40.60
C CYS D 231 10.16 -3.38 -40.16
N GLN D 232 9.63 -3.20 -38.95
CA GLN D 232 9.23 -1.87 -38.49
C GLN D 232 9.87 -1.53 -37.14
N VAL D 233 10.52 -0.37 -37.06
CA VAL D 233 11.18 0.01 -35.83
C VAL D 233 10.67 1.33 -35.30
N GLN D 234 10.00 1.29 -34.15
CA GLN D 234 9.59 2.51 -33.46
C GLN D 234 10.74 3.08 -32.64
N PHE D 235 11.10 4.33 -32.93
CA PHE D 235 12.19 5.01 -32.24
C PHE D 235 11.60 6.10 -31.36
N TYR D 236 12.17 6.30 -30.18
CA TYR D 236 11.71 7.35 -29.30
C TYR D 236 12.79 8.41 -29.18
N GLY D 237 12.44 9.64 -29.58
CA GLY D 237 13.39 10.75 -29.58
C GLY D 237 12.73 12.05 -29.17
N LEU D 238 12.92 13.09 -29.98
CA LEU D 238 12.39 14.41 -29.68
C LEU D 238 10.96 14.57 -30.18
N SER D 239 10.25 15.57 -29.68
CA SER D 239 8.94 15.87 -30.22
C SER D 239 9.03 17.08 -31.15
N GLU D 240 7.93 17.35 -31.85
CA GLU D 240 7.86 18.47 -32.80
C GLU D 240 8.16 19.80 -32.11
N ASN D 241 7.85 19.87 -30.81
CA ASN D 241 8.01 21.12 -30.06
C ASN D 241 9.43 21.40 -29.59
N ASP D 242 10.26 20.36 -29.50
CA ASP D 242 11.63 20.54 -29.07
C ASP D 242 12.42 21.39 -30.08
N GLU D 243 13.28 22.25 -29.55
CA GLU D 243 14.18 23.03 -30.36
C GLU D 243 15.31 22.14 -30.86
N TRP D 244 15.84 22.47 -32.02
CA TRP D 244 16.90 21.68 -32.63
C TRP D 244 17.67 22.59 -33.54
N THR D 245 19.00 22.54 -33.44
CA THR D 245 19.82 23.54 -34.08
C THR D 245 20.98 22.91 -34.86
N GLN D 246 21.14 21.61 -34.69
CA GLN D 246 22.20 20.88 -35.35
C GLN D 246 22.03 20.81 -36.87
N ASP D 247 23.13 20.46 -37.55
CA ASP D 247 23.18 20.42 -38.99
C ASP D 247 22.70 19.06 -39.49
N ARG D 248 21.52 18.66 -39.06
CA ARG D 248 20.90 17.41 -39.53
C ARG D 248 19.43 17.42 -39.11
N ALA D 249 18.65 16.53 -39.71
CA ALA D 249 17.21 16.47 -39.41
C ALA D 249 16.99 16.30 -37.91
N LYS D 250 15.98 16.96 -37.38
CA LYS D 250 15.61 16.76 -35.99
C LYS D 250 15.24 15.27 -35.81
N PRO D 251 15.96 14.57 -34.90
CA PRO D 251 15.73 13.13 -34.65
C PRO D 251 14.49 12.89 -33.79
N VAL D 252 13.30 13.09 -34.39
CA VAL D 252 12.04 12.94 -33.68
C VAL D 252 11.67 11.48 -33.49
N THR D 253 10.83 11.24 -32.49
CA THR D 253 10.15 9.96 -32.32
C THR D 253 9.50 9.59 -33.66
N GLN D 254 9.78 8.39 -34.15
CA GLN D 254 9.31 8.03 -35.48
C GLN D 254 9.43 6.54 -35.70
N ILE D 255 8.78 6.08 -36.77
CA ILE D 255 8.89 4.70 -37.21
C ILE D 255 9.78 4.68 -38.46
N VAL D 256 10.77 3.80 -38.45
CA VAL D 256 11.63 3.60 -39.60
C VAL D 256 11.45 2.15 -40.02
N SER D 257 11.25 1.91 -41.31
CA SER D 257 10.94 0.54 -41.71
C SER D 257 11.59 0.17 -43.03
N ALA D 258 11.57 -1.12 -43.34
CA ALA D 258 12.09 -1.67 -44.59
C ALA D 258 11.23 -2.87 -44.97
N GLU D 259 11.11 -3.13 -46.26
CA GLU D 259 10.13 -4.07 -46.80
C GLU D 259 10.73 -5.13 -47.71
N ALA D 260 10.00 -6.22 -47.90
CA ALA D 260 10.32 -7.20 -48.94
C ALA D 260 9.04 -7.87 -49.39
N TRP D 261 9.11 -8.45 -50.59
CA TRP D 261 8.00 -9.18 -51.18
C TRP D 261 8.49 -10.58 -51.46
N GLY D 262 7.61 -11.56 -51.31
CA GLY D 262 8.00 -12.93 -51.61
C GLY D 262 8.47 -13.05 -53.05
N ARG D 263 9.34 -14.02 -53.32
CA ARG D 263 9.85 -14.17 -54.69
C ARG D 263 9.47 -15.51 -55.27
N ALA D 264 8.80 -15.45 -56.42
CA ALA D 264 8.23 -16.61 -57.09
C ALA D 264 9.17 -17.81 -57.15
N ASP D 265 10.44 -17.57 -57.44
CA ASP D 265 11.33 -18.68 -57.69
C ASP D 265 11.54 -19.60 -56.47
S SO4 E . -3.84 -8.51 3.66
O1 SO4 E . -3.65 -9.90 4.10
O2 SO4 E . -3.06 -8.30 2.44
O3 SO4 E . -5.26 -8.26 3.38
O4 SO4 E . -3.36 -7.62 4.72
#